data_5UIM
#
_entry.id   5UIM
#
_cell.length_a   71.236
_cell.length_b   58.406
_cell.length_c   106.781
_cell.angle_alpha   90.00
_cell.angle_beta   96.04
_cell.angle_gamma   90.00
#
_symmetry.space_group_name_H-M   'P 1 21 1'
#
loop_
_entity.id
_entity.type
_entity.pdbx_description
1 polymer Formyltransferase
2 non-polymer '[(3R,4S,5S,6R)-4-amino-3,5-dihydroxy-6-methyloxan-2-yl][hydroxy-[[(2R,3S,5R)-3-hydroxy-5-(5-methyl-2,4-dioxopyrimidin-1-yl)oxolan-2-yl]methoxy]phosphoryl] hydrogen phosphate'
3 non-polymer 'SODIUM ION'
4 non-polymer 'N-{[4-({[(6R)-2-amino-5-formyl-4-oxo-1,4,5,6,7,8-hexahydropteridin-6-yl]methyl}amino)phenyl]carbonyl}-L-glutamic acid'
5 non-polymer "THYMIDINE-5'-DIPHOSPHATE"
6 non-polymer 'POTASSIUM ION'
7 water water
#
_entity_poly.entity_id   1
_entity_poly.type   'polypeptide(L)'
_entity_poly.pdbx_seq_one_letter_code
;GGGGGGHMKIIIAGKNDIAVNVTRWLQKKKKNIEIYAICNANDTGIDTFQRSFKKYCKDNLIPIISLAEAYKIDDAIFLS
LEFDKIVQPSKFNHNELFNIHFSYLPKYKGMYTSAWPILNGEDTSGVTLHKIDHGIDTGAIIAQKEIIIQPFETAKDLYE
KYISEGTSLVIDNISTLLNSEYVEKEQNIKYSSYYSKKTIDYSNLELNFSKTAFEIINQLRAFTFREYQLPKLDGVNIFL
GDVLSSRSIMKPGSILERNDKEIIVSTIDYDVVLYKDNFKEILEACKYSDSKYIAKLIRAKSILFEKNIYGWSPVIVAAY
HGNIELIKWLVSKGANINDRNYKGTTVAMYFKDYMLKSGDYSGLKMLIDLGLDLTLTDYKDYTVFDYLEKSGNKNLLQYM
MAFMK
;
_entity_poly.pdbx_strand_id   A,B
#
loop_
_chem_comp.id
_chem_comp.type
_chem_comp.name
_chem_comp.formula
FON non-polymer 'N-{[4-({[(6R)-2-amino-5-formyl-4-oxo-1,4,5,6,7,8-hexahydropteridin-6-yl]methyl}amino)phenyl]carbonyl}-L-glutamic acid' 'C20 H23 N7 O7'
K non-polymer 'POTASSIUM ION' 'K 1'
NA non-polymer 'SODIUM ION' 'Na 1'
T3Q non-polymer '[(3R,4S,5S,6R)-4-amino-3,5-dihydroxy-6-methyloxan-2-yl][hydroxy-[[(2R,3S,5R)-3-hydroxy-5-(5-methyl-2,4-dioxopyrimidin-1-yl)oxolan-2-yl]methoxy]phosphoryl] hydrogen phosphate' 'C16 H27 N3 O14 P2'
TYD non-polymer THYMIDINE-5'-DIPHOSPHATE 'C10 H16 N2 O11 P2'
#
# COMPACT_ATOMS: atom_id res chain seq x y z
N MET A 8 -39.97 13.61 -9.74
CA MET A 8 -40.43 15.03 -9.59
C MET A 8 -39.22 15.96 -9.43
N LYS A 9 -38.55 15.88 -8.28
CA LYS A 9 -37.44 16.79 -7.99
C LYS A 9 -36.08 16.07 -7.85
N ILE A 10 -34.99 16.78 -8.16
CA ILE A 10 -33.66 16.22 -8.00
C ILE A 10 -32.71 17.32 -7.54
N ILE A 11 -31.95 17.00 -6.51
CA ILE A 11 -30.94 17.89 -5.98
C ILE A 11 -29.62 17.34 -6.47
N ILE A 12 -28.80 18.21 -7.06
CA ILE A 12 -27.53 17.84 -7.60
C ILE A 12 -26.53 18.67 -6.87
N ALA A 13 -25.61 17.98 -6.23
CA ALA A 13 -24.76 18.58 -5.24
C ALA A 13 -23.36 18.25 -5.64
N GLY A 14 -22.58 19.26 -6.04
CA GLY A 14 -21.13 19.08 -6.18
C GLY A 14 -20.53 20.06 -7.14
N LYS A 15 -19.58 19.59 -7.93
CA LYS A 15 -18.73 20.48 -8.69
C LYS A 15 -18.18 19.80 -9.93
N ASN A 16 -17.40 20.61 -10.66
CA ASN A 16 -16.62 20.18 -11.83
C ASN A 16 -17.47 19.61 -12.98
N ASP A 17 -16.82 19.04 -13.98
CA ASP A 17 -17.51 18.61 -15.18
C ASP A 17 -18.53 17.54 -14.90
N ILE A 18 -18.24 16.65 -13.96
CA ILE A 18 -19.23 15.67 -13.56
C ILE A 18 -20.58 16.25 -13.10
N ALA A 19 -20.57 17.28 -12.21
CA ALA A 19 -21.81 17.95 -11.80
C ALA A 19 -22.50 18.65 -12.99
N VAL A 20 -21.74 19.44 -13.72
CA VAL A 20 -22.23 20.06 -14.97
C VAL A 20 -22.79 19.10 -16.04
N ASN A 21 -22.04 18.09 -16.42
CA ASN A 21 -22.51 17.17 -17.45
C ASN A 21 -23.70 16.31 -17.09
N VAL A 22 -23.80 15.96 -15.83
CA VAL A 22 -24.94 15.22 -15.37
C VAL A 22 -26.14 16.14 -15.32
N THR A 23 -25.92 17.41 -14.96
CA THR A 23 -26.99 18.41 -14.90
C THR A 23 -27.50 18.81 -16.30
N ARG A 24 -26.56 19.10 -17.18
CA ARG A 24 -26.88 19.19 -18.61
C ARG A 24 -27.75 18.01 -19.08
N TRP A 25 -27.33 16.79 -18.74
CA TRP A 25 -27.94 15.60 -19.32
C TRP A 25 -29.39 15.57 -18.93
N LEU A 26 -29.64 15.79 -17.64
CA LEU A 26 -30.98 15.84 -17.07
C LEU A 26 -31.87 16.93 -17.64
N GLN A 27 -31.26 17.98 -18.17
CA GLN A 27 -32.00 19.13 -18.66
C GLN A 27 -32.50 18.86 -20.05
N LYS A 28 -31.68 18.21 -20.88
CA LYS A 28 -32.11 17.78 -22.21
C LYS A 28 -33.00 16.53 -22.10
N LYS A 29 -32.50 15.50 -21.47
CA LYS A 29 -33.20 14.21 -21.40
C LYS A 29 -34.24 14.14 -20.23
N LYS A 30 -34.37 15.19 -19.41
CA LYS A 30 -35.40 15.22 -18.34
C LYS A 30 -35.83 16.66 -17.92
N LYS A 31 -36.07 17.50 -18.93
CA LYS A 31 -36.73 18.82 -18.76
C LYS A 31 -37.84 18.81 -17.74
N ASN A 32 -38.68 17.77 -17.79
CA ASN A 32 -39.77 17.62 -16.83
C ASN A 32 -39.33 17.76 -15.34
N ILE A 33 -38.10 17.30 -15.04
CA ILE A 33 -37.59 17.24 -13.65
C ILE A 33 -37.04 18.59 -13.17
N GLU A 34 -37.57 19.08 -12.06
CA GLU A 34 -37.05 20.28 -11.40
C GLU A 34 -35.69 19.96 -10.78
N ILE A 35 -34.75 20.86 -10.98
CA ILE A 35 -33.39 20.67 -10.55
C ILE A 35 -33.03 21.75 -9.56
N TYR A 36 -32.52 21.33 -8.39
CA TYR A 36 -31.88 22.25 -7.46
C TYR A 36 -30.43 21.85 -7.37
N ALA A 37 -29.60 22.82 -7.01
CA ALA A 37 -28.17 22.64 -7.06
C ALA A 37 -27.56 23.11 -5.76
N ILE A 38 -26.56 22.39 -5.30
CA ILE A 38 -25.72 22.85 -4.21
C ILE A 38 -24.31 22.78 -4.75
N CYS A 39 -23.48 23.73 -4.31
CA CYS A 39 -22.13 23.92 -4.81
C CYS A 39 -21.10 23.74 -3.72
N ASN A 40 -19.85 23.54 -4.11
CA ASN A 40 -18.76 23.46 -3.16
C ASN A 40 -18.23 24.81 -2.71
N ALA A 41 -17.57 24.81 -1.55
CA ALA A 41 -17.00 26.03 -0.96
C ALA A 41 -15.96 26.71 -1.85
N ASN A 42 -15.28 25.91 -2.69
CA ASN A 42 -14.19 26.41 -3.50
C ASN A 42 -14.59 26.69 -4.95
N ASP A 43 -15.89 26.64 -5.20
CA ASP A 43 -16.40 27.00 -6.51
C ASP A 43 -16.68 28.50 -6.46
N THR A 44 -15.77 29.28 -7.06
CA THR A 44 -15.83 30.75 -7.06
C THR A 44 -16.70 31.30 -8.22
N GLY A 45 -17.27 30.42 -9.05
CA GLY A 45 -18.11 30.86 -10.17
C GLY A 45 -17.30 31.07 -11.45
N ILE A 46 -15.98 30.86 -11.34
CA ILE A 46 -15.01 30.96 -12.44
C ILE A 46 -14.71 29.57 -12.99
N ASP A 47 -14.84 29.35 -14.30
CA ASP A 47 -14.38 28.09 -14.91
C ASP A 47 -12.88 27.99 -14.71
N THR A 48 -12.35 26.77 -14.69
CA THR A 48 -10.90 26.53 -14.69
C THR A 48 -10.71 25.25 -15.50
N PHE A 49 -9.72 24.42 -15.19
CA PHE A 49 -9.61 23.12 -15.85
C PHE A 49 -10.88 22.25 -15.74
N GLN A 50 -11.65 22.45 -14.67
CA GLN A 50 -13.04 22.00 -14.65
C GLN A 50 -13.93 23.20 -14.58
N ARG A 51 -15.12 23.00 -15.09
CA ARG A 51 -16.14 24.04 -15.07
C ARG A 51 -16.64 24.33 -13.68
N SER A 52 -17.18 25.53 -13.55
CA SER A 52 -17.81 25.95 -12.37
C SER A 52 -19.25 25.52 -12.52
N PHE A 53 -19.71 24.70 -11.59
CA PHE A 53 -21.10 24.32 -11.52
C PHE A 53 -21.96 25.52 -11.14
N LYS A 54 -21.42 26.43 -10.32
CA LYS A 54 -22.16 27.60 -9.87
C LYS A 54 -22.47 28.52 -11.05
N LYS A 55 -21.41 28.83 -11.82
CA LYS A 55 -21.56 29.56 -13.10
C LYS A 55 -22.55 28.86 -13.99
N TYR A 56 -22.38 27.55 -14.19
CA TYR A 56 -23.35 26.85 -14.97
C TYR A 56 -24.77 27.03 -14.46
N CYS A 57 -24.99 26.86 -13.16
CA CYS A 57 -26.36 26.98 -12.64
C CYS A 57 -26.93 28.40 -12.77
N LYS A 58 -26.14 29.41 -12.42
CA LYS A 58 -26.57 30.78 -12.62
C LYS A 58 -27.03 31.00 -14.06
N ASP A 59 -26.17 30.59 -15.00
CA ASP A 59 -26.41 30.87 -16.43
C ASP A 59 -27.59 30.09 -16.99
N ASN A 60 -27.94 28.96 -16.38
CA ASN A 60 -29.13 28.19 -16.81
C ASN A 60 -30.33 28.40 -15.88
N LEU A 61 -30.28 29.45 -15.07
CA LEU A 61 -31.30 29.70 -14.04
C LEU A 61 -31.66 28.44 -13.23
N ILE A 62 -30.66 27.69 -12.82
CA ILE A 62 -30.90 26.59 -11.88
C ILE A 62 -30.72 27.16 -10.48
N PRO A 63 -31.73 26.99 -9.64
CA PRO A 63 -31.69 27.48 -8.29
C PRO A 63 -30.58 26.82 -7.49
N ILE A 64 -29.85 27.66 -6.76
CA ILE A 64 -28.81 27.17 -5.92
C ILE A 64 -29.32 27.23 -4.50
N ILE A 65 -29.27 26.09 -3.83
CA ILE A 65 -29.70 25.92 -2.46
C ILE A 65 -28.57 25.39 -1.59
N SER A 66 -28.84 25.36 -0.29
CA SER A 66 -27.88 24.90 0.68
C SER A 66 -28.26 23.48 1.08
N LEU A 67 -27.34 22.84 1.78
CA LEU A 67 -27.54 21.47 2.21
C LEU A 67 -28.63 21.45 3.29
N ALA A 68 -28.56 22.38 4.23
CA ALA A 68 -29.68 22.62 5.15
C ALA A 68 -31.06 22.67 4.46
N GLU A 69 -31.20 23.46 3.39
CA GLU A 69 -32.46 23.53 2.65
C GLU A 69 -32.82 22.22 1.97
N ALA A 70 -31.83 21.47 1.52
CA ALA A 70 -32.10 20.21 0.81
C ALA A 70 -32.59 19.12 1.75
N TYR A 71 -32.07 19.13 2.98
CA TYR A 71 -32.53 18.21 4.01
C TYR A 71 -34.05 18.27 4.12
N LYS A 72 -34.61 19.47 3.91
CA LYS A 72 -36.04 19.70 4.09
C LYS A 72 -36.90 19.34 2.89
N ILE A 73 -36.30 18.95 1.78
CA ILE A 73 -37.04 18.71 0.54
C ILE A 73 -37.40 17.22 0.38
N ASP A 74 -38.61 16.87 0.78
CA ASP A 74 -39.11 15.50 0.59
C ASP A 74 -39.53 15.32 -0.85
N ASP A 75 -39.61 14.06 -1.29
CA ASP A 75 -39.99 13.73 -2.69
C ASP A 75 -39.01 14.36 -3.73
N ALA A 76 -37.75 14.55 -3.33
CA ALA A 76 -36.62 14.81 -4.23
C ALA A 76 -35.59 13.74 -4.00
N ILE A 77 -34.99 13.27 -5.10
CA ILE A 77 -33.77 12.45 -5.12
C ILE A 77 -32.58 13.36 -4.81
N PHE A 78 -31.58 12.83 -4.12
CA PHE A 78 -30.35 13.58 -3.82
C PHE A 78 -29.15 12.84 -4.40
N LEU A 79 -28.40 13.55 -5.26
CA LEU A 79 -27.22 13.03 -5.93
C LEU A 79 -26.03 13.96 -5.74
N SER A 80 -25.03 13.41 -5.10
CA SER A 80 -23.84 14.11 -4.74
C SER A 80 -22.70 13.71 -5.73
N LEU A 81 -22.06 14.70 -6.37
CA LEU A 81 -21.06 14.49 -7.38
C LEU A 81 -19.79 15.33 -7.10
N GLU A 82 -18.82 14.72 -6.43
CA GLU A 82 -17.63 15.41 -5.91
C GLU A 82 -17.99 16.56 -4.98
N PHE A 83 -19.00 16.31 -4.14
CA PHE A 83 -19.46 17.27 -3.14
C PHE A 83 -18.46 17.30 -1.97
N ASP A 84 -18.38 18.41 -1.27
CA ASP A 84 -17.33 18.62 -0.27
C ASP A 84 -17.90 18.71 1.17
N LYS A 85 -19.15 18.32 1.36
CA LYS A 85 -19.76 18.42 2.67
C LYS A 85 -20.22 17.04 3.13
N ILE A 86 -20.12 16.80 4.45
CA ILE A 86 -20.69 15.61 5.06
C ILE A 86 -22.20 15.73 4.95
N VAL A 87 -22.80 14.78 4.27
CA VAL A 87 -24.22 14.66 4.23
C VAL A 87 -24.58 13.76 5.43
N GLN A 88 -25.31 14.32 6.39
CA GLN A 88 -25.84 13.57 7.56
C GLN A 88 -27.19 12.95 7.10
N PRO A 89 -27.21 11.66 6.69
CA PRO A 89 -28.37 11.14 5.96
C PRO A 89 -29.69 11.08 6.71
N SER A 90 -29.63 10.91 8.03
CA SER A 90 -30.84 10.87 8.85
C SER A 90 -31.51 12.23 8.97
N LYS A 91 -30.76 13.29 8.65
CA LYS A 91 -31.34 14.65 8.56
C LYS A 91 -32.31 14.84 7.41
N PHE A 92 -32.37 13.90 6.47
CA PHE A 92 -33.42 13.85 5.45
C PHE A 92 -34.58 13.07 6.01
N ASN A 93 -35.73 13.35 5.43
CA ASN A 93 -36.90 12.52 5.68
C ASN A 93 -37.19 11.46 4.57
N HIS A 94 -36.16 11.03 3.87
CA HIS A 94 -36.33 9.93 2.88
C HIS A 94 -34.95 9.34 2.73
N ASN A 95 -34.83 8.25 1.98
CA ASN A 95 -33.56 7.53 1.92
C ASN A 95 -33.00 7.36 0.50
N GLU A 96 -33.37 8.25 -0.41
CA GLU A 96 -32.99 8.19 -1.81
C GLU A 96 -31.77 9.10 -1.96
N LEU A 97 -30.68 8.64 -1.38
CA LEU A 97 -29.47 9.40 -1.24
C LEU A 97 -28.35 8.67 -1.96
N PHE A 98 -27.79 9.35 -2.95
CA PHE A 98 -26.82 8.77 -3.87
C PHE A 98 -25.54 9.58 -4.03
N ASN A 99 -24.46 8.87 -4.28
CA ASN A 99 -23.17 9.47 -4.40
C ASN A 99 -22.40 8.72 -5.45
N ILE A 100 -21.62 9.45 -6.23
CA ILE A 100 -20.69 8.84 -7.13
C ILE A 100 -19.35 9.07 -6.40
N HIS A 101 -18.66 7.99 -6.06
CA HIS A 101 -17.28 8.05 -5.55
C HIS A 101 -16.27 7.53 -6.55
N PHE A 102 -15.12 8.20 -6.58
CA PHE A 102 -14.06 7.89 -7.58
C PHE A 102 -13.12 6.84 -7.05
N SER A 103 -13.65 5.65 -6.80
CA SER A 103 -12.84 4.49 -6.50
C SER A 103 -13.68 3.23 -6.75
N TYR A 104 -13.02 2.10 -6.87
CA TYR A 104 -13.68 0.83 -6.73
C TYR A 104 -13.83 0.50 -5.26
N LEU A 105 -14.95 0.93 -4.69
CA LEU A 105 -15.22 0.71 -3.28
C LEU A 105 -15.35 -0.80 -2.98
N PRO A 106 -14.90 -1.19 -1.81
CA PRO A 106 -14.58 -0.34 -0.67
C PRO A 106 -13.11 0.07 -0.49
N LYS A 107 -12.26 -0.18 -1.50
CA LYS A 107 -10.92 0.46 -1.59
C LYS A 107 -10.98 1.98 -1.84
N TYR A 108 -10.03 2.69 -1.22
CA TYR A 108 -9.76 4.09 -1.54
C TYR A 108 -10.96 4.99 -1.26
N LYS A 109 -11.55 4.77 -0.09
CA LYS A 109 -12.54 5.70 0.47
C LYS A 109 -11.82 7.00 0.80
N GLY A 110 -12.58 8.09 0.94
CA GLY A 110 -11.99 9.36 1.35
C GLY A 110 -11.30 10.12 0.22
N MET A 111 -10.05 10.51 0.43
CA MET A 111 -9.43 11.62 -0.35
C MET A 111 -8.37 11.18 -1.35
N TYR A 112 -8.10 12.05 -2.30
CA TYR A 112 -6.97 11.92 -3.19
C TYR A 112 -7.04 10.63 -3.99
N THR A 113 -8.24 10.27 -4.50
CA THR A 113 -8.39 8.99 -5.16
C THR A 113 -7.71 8.89 -6.52
N SER A 114 -7.30 10.04 -7.04
CA SER A 114 -6.41 10.13 -8.21
C SER A 114 -4.89 9.87 -7.93
N ALA A 115 -4.48 10.04 -6.68
CA ALA A 115 -3.06 9.89 -6.28
C ALA A 115 -2.82 8.51 -5.64
N TRP A 116 -3.60 8.20 -4.61
CA TRP A 116 -3.28 7.03 -3.82
C TRP A 116 -3.20 5.75 -4.60
N PRO A 117 -4.17 5.46 -5.49
CA PRO A 117 -4.05 4.18 -6.19
C PRO A 117 -2.80 4.08 -7.06
N ILE A 118 -2.37 5.19 -7.62
CA ILE A 118 -1.19 5.22 -8.47
C ILE A 118 0.02 5.03 -7.57
N LEU A 119 0.05 5.78 -6.46
CA LEU A 119 1.11 5.67 -5.49
C LEU A 119 1.33 4.23 -5.02
N ASN A 120 0.24 3.47 -4.89
CA ASN A 120 0.30 2.09 -4.41
C ASN A 120 0.58 1.08 -5.52
N GLY A 121 0.78 1.56 -6.73
CA GLY A 121 1.11 0.65 -7.81
C GLY A 121 -0.04 -0.19 -8.32
N GLU A 122 -1.26 0.33 -8.25
CA GLU A 122 -2.41 -0.37 -8.80
C GLU A 122 -2.45 -0.31 -10.35
N ASP A 123 -3.00 -1.36 -10.94
CA ASP A 123 -3.28 -1.47 -12.37
C ASP A 123 -4.59 -0.77 -12.74
N THR A 124 -5.55 -0.81 -11.82
CA THR A 124 -6.93 -0.40 -12.03
C THR A 124 -7.41 0.39 -10.84
N SER A 125 -8.35 1.28 -11.10
CA SER A 125 -9.23 1.86 -10.08
C SER A 125 -10.70 1.69 -10.53
N GLY A 126 -11.57 2.63 -10.14
CA GLY A 126 -12.97 2.60 -10.58
C GLY A 126 -13.77 3.83 -10.18
N VAL A 127 -15.01 3.84 -10.67
CA VAL A 127 -16.05 4.71 -10.13
C VAL A 127 -17.18 3.85 -9.56
N THR A 128 -17.77 4.33 -8.49
CA THR A 128 -18.76 3.56 -7.76
C THR A 128 -19.94 4.45 -7.45
N LEU A 129 -21.12 3.99 -7.83
CA LEU A 129 -22.40 4.59 -7.48
C LEU A 129 -22.98 3.84 -6.31
N HIS A 130 -23.23 4.58 -5.22
CA HIS A 130 -23.72 3.99 -3.99
C HIS A 130 -24.66 4.89 -3.21
N LYS A 131 -25.30 4.28 -2.22
CA LYS A 131 -26.09 4.95 -1.26
C LYS A 131 -25.24 5.77 -0.32
N ILE A 132 -25.74 6.93 0.08
CA ILE A 132 -25.15 7.66 1.17
C ILE A 132 -25.70 7.06 2.48
N ASP A 133 -24.80 6.49 3.28
CA ASP A 133 -25.15 5.91 4.56
C ASP A 133 -24.15 6.50 5.55
N HIS A 134 -24.27 6.01 6.79
CA HIS A 134 -23.39 6.36 7.88
C HIS A 134 -22.00 5.81 7.64
N GLY A 135 -21.07 6.74 7.69
CA GLY A 135 -19.73 6.49 7.32
C GLY A 135 -19.43 7.23 6.06
N ILE A 136 -18.12 7.38 5.87
CA ILE A 136 -17.56 8.07 4.74
C ILE A 136 -17.43 7.05 3.64
N ASP A 137 -18.21 7.21 2.60
CA ASP A 137 -18.11 6.33 1.43
C ASP A 137 -18.32 4.85 1.82
N THR A 138 -19.33 4.60 2.65
CA THR A 138 -19.58 3.26 3.23
C THR A 138 -20.94 2.62 2.82
N GLY A 139 -21.84 3.41 2.24
CA GLY A 139 -23.17 2.93 2.01
C GLY A 139 -23.17 1.95 0.86
N ALA A 140 -24.30 1.27 0.68
CA ALA A 140 -24.37 0.13 -0.23
C ALA A 140 -24.16 0.46 -1.69
N ILE A 141 -23.41 -0.42 -2.34
CA ILE A 141 -23.07 -0.25 -3.73
C ILE A 141 -24.27 -0.59 -4.64
N ILE A 142 -24.53 0.30 -5.61
CA ILE A 142 -25.56 0.18 -6.66
C ILE A 142 -24.96 -0.23 -8.00
N ALA A 143 -23.91 0.45 -8.43
CA ALA A 143 -23.23 0.06 -9.67
C ALA A 143 -21.78 0.54 -9.61
N GLN A 144 -20.92 -0.13 -10.38
CA GLN A 144 -19.48 0.14 -10.42
C GLN A 144 -18.90 -0.07 -11.81
N LYS A 145 -17.80 0.62 -12.12
CA LYS A 145 -17.08 0.41 -13.37
C LYS A 145 -15.59 0.37 -13.04
N GLU A 146 -14.91 -0.69 -13.49
CA GLU A 146 -13.46 -0.81 -13.30
C GLU A 146 -12.78 0.09 -14.32
N ILE A 147 -11.63 0.65 -13.97
CA ILE A 147 -10.92 1.59 -14.85
C ILE A 147 -9.46 1.21 -14.95
N ILE A 148 -8.98 1.02 -16.18
CA ILE A 148 -7.55 0.71 -16.37
C ILE A 148 -6.77 1.99 -16.06
N ILE A 149 -5.77 1.90 -15.20
CA ILE A 149 -4.75 2.94 -15.16
C ILE A 149 -3.58 2.47 -16.03
N GLN A 150 -3.25 3.25 -17.05
CA GLN A 150 -2.09 2.93 -17.90
C GLN A 150 -0.79 3.28 -17.17
N PRO A 151 0.31 2.58 -17.49
CA PRO A 151 1.57 2.69 -16.71
C PRO A 151 2.13 4.08 -16.62
N PHE A 152 1.80 4.87 -17.61
CA PHE A 152 2.38 6.17 -17.80
C PHE A 152 1.48 7.31 -17.37
N GLU A 153 0.19 7.05 -17.18
CA GLU A 153 -0.80 8.12 -16.95
C GLU A 153 -0.58 8.79 -15.65
N THR A 154 -0.94 10.06 -15.58
CA THR A 154 -0.78 10.84 -14.36
C THR A 154 -2.05 10.81 -13.50
N ALA A 155 -1.97 11.48 -12.37
CA ALA A 155 -3.13 11.69 -11.53
C ALA A 155 -4.22 12.39 -12.29
N LYS A 156 -3.84 13.48 -12.97
CA LYS A 156 -4.69 14.22 -13.89
C LYS A 156 -5.38 13.37 -14.93
N ASP A 157 -4.65 12.52 -15.62
CA ASP A 157 -5.31 11.63 -16.56
C ASP A 157 -6.32 10.76 -15.81
N LEU A 158 -5.92 10.28 -14.64
CA LEU A 158 -6.79 9.42 -13.88
C LEU A 158 -8.06 10.17 -13.48
N TYR A 159 -7.87 11.38 -13.01
CA TYR A 159 -9.01 12.22 -12.65
C TYR A 159 -9.99 12.42 -13.80
N GLU A 160 -9.45 12.57 -15.01
CA GLU A 160 -10.22 12.85 -16.19
C GLU A 160 -11.07 11.63 -16.60
N LYS A 161 -10.49 10.44 -16.49
CA LYS A 161 -11.26 9.22 -16.62
C LYS A 161 -12.33 9.12 -15.55
N TYR A 162 -12.03 9.53 -14.31
CA TYR A 162 -13.02 9.46 -13.20
C TYR A 162 -14.23 10.33 -13.59
N ILE A 163 -13.91 11.53 -14.06
CA ILE A 163 -14.94 12.48 -14.48
C ILE A 163 -15.80 11.95 -15.63
N SER A 164 -15.15 11.41 -16.64
CA SER A 164 -15.84 10.80 -17.74
C SER A 164 -16.65 9.61 -17.36
N GLU A 165 -16.00 8.62 -16.79
CA GLU A 165 -16.65 7.34 -16.44
C GLU A 165 -17.71 7.50 -15.37
N GLY A 166 -17.48 8.42 -14.44
CA GLY A 166 -18.45 8.74 -13.42
C GLY A 166 -19.74 9.30 -14.03
N THR A 167 -19.58 10.19 -14.98
CA THR A 167 -20.69 10.79 -15.67
C THR A 167 -21.53 9.73 -16.39
N SER A 168 -20.87 8.80 -17.07
CA SER A 168 -21.55 7.68 -17.75
C SER A 168 -22.27 6.75 -16.80
N LEU A 169 -21.63 6.39 -15.70
CA LEU A 169 -22.26 5.50 -14.76
C LEU A 169 -23.52 6.15 -14.21
N VAL A 170 -23.48 7.44 -13.91
CA VAL A 170 -24.68 8.11 -13.45
C VAL A 170 -25.75 8.07 -14.54
N ILE A 171 -25.37 8.45 -15.73
CA ILE A 171 -26.27 8.44 -16.87
C ILE A 171 -26.86 7.04 -17.13
N ASP A 172 -26.04 5.98 -17.00
CA ASP A 172 -26.55 4.62 -17.24
C ASP A 172 -27.60 4.16 -16.24
N ASN A 173 -27.60 4.77 -15.05
CA ASN A 173 -28.39 4.30 -13.92
C ASN A 173 -29.40 5.30 -13.40
N ILE A 174 -29.39 6.53 -13.91
CA ILE A 174 -30.18 7.63 -13.34
C ILE A 174 -31.68 7.38 -13.36
N SER A 175 -32.17 6.66 -14.36
CA SER A 175 -33.56 6.26 -14.42
C SER A 175 -33.92 5.34 -13.28
N THR A 176 -33.06 4.36 -12.98
CA THR A 176 -33.36 3.45 -11.90
C THR A 176 -33.36 4.18 -10.57
N LEU A 177 -32.61 5.28 -10.46
CA LEU A 177 -32.63 6.10 -9.25
C LEU A 177 -33.97 6.84 -9.16
N LEU A 178 -34.38 7.47 -10.25
CA LEU A 178 -35.65 8.21 -10.24
C LEU A 178 -36.85 7.31 -9.96
N ASN A 179 -36.81 6.07 -10.47
CA ASN A 179 -37.94 5.11 -10.42
C ASN A 179 -37.84 3.98 -9.39
N SER A 180 -37.01 4.15 -8.35
CA SER A 180 -36.79 3.11 -7.30
C SER A 180 -36.65 1.66 -7.76
N GLU A 181 -35.92 1.48 -8.86
CA GLU A 181 -35.72 0.20 -9.52
C GLU A 181 -34.23 -0.27 -9.43
N TYR A 182 -33.43 0.40 -8.61
CA TYR A 182 -32.02 0.02 -8.38
C TYR A 182 -31.93 -1.14 -7.38
N VAL A 183 -30.74 -1.74 -7.28
CA VAL A 183 -30.41 -2.80 -6.30
C VAL A 183 -29.21 -2.36 -5.43
N GLU A 184 -29.12 -2.84 -4.19
CA GLU A 184 -27.97 -2.54 -3.29
C GLU A 184 -27.26 -3.83 -2.81
N LYS A 185 -25.93 -3.79 -2.85
CA LYS A 185 -25.11 -4.73 -2.12
C LYS A 185 -24.30 -3.98 -1.07
N GLU A 186 -24.40 -4.42 0.18
CA GLU A 186 -23.55 -3.87 1.23
C GLU A 186 -22.07 -4.10 0.93
N GLN A 187 -21.31 -3.10 1.31
CA GLN A 187 -19.89 -3.08 1.08
C GLN A 187 -19.24 -4.08 1.99
N ASN A 188 -18.29 -4.81 1.48
CA ASN A 188 -17.47 -5.67 2.33
C ASN A 188 -16.58 -4.80 3.20
N ILE A 189 -16.30 -5.30 4.39
CA ILE A 189 -15.33 -4.77 5.33
C ILE A 189 -13.91 -5.13 4.83
N LYS A 190 -13.78 -6.31 4.26
CA LYS A 190 -12.48 -6.84 3.95
C LYS A 190 -11.89 -6.11 2.73
N TYR A 191 -10.66 -5.61 2.92
CA TYR A 191 -9.86 -4.93 1.88
C TYR A 191 -10.18 -3.44 1.74
N SER A 192 -11.22 -3.01 2.45
CA SER A 192 -11.50 -1.66 2.86
C SER A 192 -10.26 -0.80 3.14
N SER A 193 -10.16 0.38 2.51
CA SER A 193 -9.18 1.43 2.91
C SER A 193 -9.77 2.84 2.90
N TYR A 194 -9.17 3.74 3.67
CA TYR A 194 -9.55 5.13 3.74
C TYR A 194 -8.29 5.97 3.84
N TYR A 195 -8.23 7.04 3.03
CA TYR A 195 -7.19 8.05 3.14
C TYR A 195 -7.76 9.46 3.44
N SER A 196 -7.39 10.03 4.57
CA SER A 196 -7.76 11.41 4.92
C SER A 196 -6.94 12.43 4.18
N LYS A 197 -7.39 13.66 4.30
CA LYS A 197 -6.68 14.83 3.79
C LYS A 197 -5.29 15.01 4.37
N LYS A 198 -5.05 14.47 5.56
CA LYS A 198 -3.72 14.54 6.15
C LYS A 198 -2.74 13.60 5.47
N THR A 199 -3.22 12.59 4.75
CA THR A 199 -2.35 11.53 4.19
C THR A 199 -1.39 11.99 3.09
N ILE A 200 -1.61 13.19 2.56
CA ILE A 200 -0.69 13.86 1.65
C ILE A 200 -0.73 15.36 1.96
N ASP A 201 0.43 15.94 2.17
CA ASP A 201 0.52 17.38 2.45
C ASP A 201 0.99 18.03 1.18
N TYR A 202 0.05 18.56 0.41
CA TYR A 202 0.38 19.13 -0.91
C TYR A 202 1.31 20.36 -0.77
N SER A 203 0.95 21.32 0.11
CA SER A 203 1.85 22.39 0.65
C SER A 203 3.34 22.05 0.73
N ASN A 204 3.69 21.00 1.49
CA ASN A 204 5.09 20.57 1.56
C ASN A 204 5.27 19.28 0.80
N LEU A 205 4.80 19.29 -0.43
CA LEU A 205 5.01 18.12 -1.26
C LEU A 205 6.50 17.88 -1.36
N GLU A 206 6.95 16.72 -0.91
CA GLU A 206 8.35 16.32 -1.07
C GLU A 206 8.44 14.95 -1.74
N LEU A 207 9.45 14.78 -2.60
CA LEU A 207 9.76 13.48 -3.18
C LEU A 207 10.56 12.72 -2.18
N ASN A 208 10.47 11.40 -2.28
CA ASN A 208 11.15 10.47 -1.37
C ASN A 208 11.80 9.42 -2.19
N PHE A 209 13.12 9.47 -2.24
CA PHE A 209 13.90 8.55 -3.07
C PHE A 209 14.28 7.31 -2.28
N SER A 210 13.94 7.31 -1.00
CA SER A 210 14.14 6.16 -0.17
C SER A 210 13.03 5.09 -0.46
N LYS A 211 12.97 4.61 -1.71
CA LYS A 211 11.86 3.82 -2.24
C LYS A 211 12.35 3.05 -3.45
N THR A 212 11.56 2.11 -3.97
CA THR A 212 11.96 1.52 -5.27
C THR A 212 11.74 2.49 -6.44
N ALA A 213 12.43 2.20 -7.55
CA ALA A 213 12.27 2.98 -8.77
C ALA A 213 10.81 3.03 -9.21
N PHE A 214 10.20 1.84 -9.28
CA PHE A 214 8.78 1.70 -9.53
C PHE A 214 7.97 2.65 -8.66
N GLU A 215 8.23 2.62 -7.36
CA GLU A 215 7.52 3.53 -6.44
C GLU A 215 7.75 5.01 -6.77
N ILE A 216 8.98 5.36 -7.14
CA ILE A 216 9.32 6.77 -7.35
C ILE A 216 8.72 7.30 -8.64
N ILE A 217 8.69 6.47 -9.68
CA ILE A 217 8.00 6.84 -10.91
C ILE A 217 6.53 6.96 -10.68
N ASN A 218 6.01 6.06 -9.83
CA ASN A 218 4.64 6.16 -9.39
C ASN A 218 4.37 7.40 -8.55
N GLN A 219 5.35 7.82 -7.75
CA GLN A 219 5.30 9.15 -7.10
C GLN A 219 5.14 10.32 -8.10
N LEU A 220 5.91 10.30 -9.19
CA LEU A 220 5.86 11.40 -10.16
C LEU A 220 4.49 11.39 -10.77
N ARG A 221 4.08 10.23 -11.27
CA ARG A 221 2.79 10.13 -11.87
C ARG A 221 1.71 10.74 -11.01
N ALA A 222 1.70 10.36 -9.74
CA ALA A 222 0.59 10.69 -8.82
C ALA A 222 0.59 12.14 -8.41
N PHE A 223 1.79 12.72 -8.33
CA PHE A 223 1.94 14.13 -8.09
C PHE A 223 1.87 14.98 -9.38
N THR A 224 1.72 14.37 -10.55
CA THR A 224 1.63 15.16 -11.79
C THR A 224 0.16 15.56 -12.06
N PHE A 225 -0.19 16.74 -11.58
CA PHE A 225 -1.50 17.30 -11.77
C PHE A 225 -1.26 18.81 -11.86
N ARG A 226 -0.87 19.23 -13.07
CA ARG A 226 -0.19 20.51 -13.30
C ARG A 226 -0.97 21.70 -12.79
N GLU A 227 -2.29 21.63 -12.83
CA GLU A 227 -3.10 22.80 -12.46
C GLU A 227 -2.96 23.10 -10.98
N TYR A 228 -2.64 22.07 -10.18
CA TYR A 228 -2.29 22.24 -8.77
C TYR A 228 -0.81 22.29 -8.54
N GLN A 229 -0.09 21.28 -9.02
CA GLN A 229 1.36 21.27 -8.96
C GLN A 229 1.98 20.18 -9.82
N LEU A 230 3.29 20.32 -9.99
CA LEU A 230 4.15 19.21 -10.40
C LEU A 230 5.08 18.87 -9.25
N PRO A 231 5.55 17.64 -9.21
CA PRO A 231 6.59 17.40 -8.25
C PRO A 231 7.80 18.32 -8.52
N LYS A 232 8.57 18.64 -7.47
CA LYS A 232 9.81 19.42 -7.56
C LYS A 232 11.04 18.61 -7.16
N LEU A 233 12.21 19.20 -7.34
CA LEU A 233 13.48 18.64 -6.85
C LEU A 233 14.49 19.76 -6.82
N ASP A 234 14.98 20.09 -5.63
CA ASP A 234 15.68 21.35 -5.37
C ASP A 234 14.91 22.55 -5.90
N GLY A 235 13.59 22.51 -5.77
CA GLY A 235 12.73 23.59 -6.28
C GLY A 235 12.43 23.58 -7.77
N VAL A 236 12.97 22.60 -8.52
CA VAL A 236 12.75 22.50 -9.96
C VAL A 236 11.68 21.48 -10.31
N ASN A 237 10.54 22.00 -10.77
CA ASN A 237 9.43 21.21 -11.34
C ASN A 237 9.89 20.12 -12.27
N ILE A 238 9.16 18.99 -12.26
CA ILE A 238 9.57 17.76 -12.95
C ILE A 238 8.39 17.17 -13.69
N PHE A 239 8.57 16.83 -14.96
CA PHE A 239 7.53 16.14 -15.72
C PHE A 239 7.95 14.73 -16.08
N LEU A 240 7.64 13.81 -15.18
CA LEU A 240 7.88 12.37 -15.31
C LEU A 240 9.34 11.90 -15.40
N GLY A 241 9.53 10.68 -15.90
CA GLY A 241 10.77 10.03 -15.77
C GLY A 241 10.70 8.63 -16.26
N ASP A 242 11.84 7.95 -16.21
CA ASP A 242 11.92 6.56 -16.63
C ASP A 242 12.87 5.80 -15.72
N VAL A 243 12.73 4.48 -15.77
CA VAL A 243 13.56 3.60 -14.98
C VAL A 243 14.80 3.31 -15.79
N LEU A 244 15.95 3.85 -15.37
CA LEU A 244 17.22 3.42 -15.98
C LEU A 244 17.54 1.96 -15.67
N SER A 245 18.69 1.47 -16.15
CA SER A 245 19.29 0.19 -15.67
C SER A 245 20.54 0.30 -14.73
N SER A 246 21.00 1.52 -14.44
CA SER A 246 22.09 1.75 -13.48
C SER A 246 21.65 1.76 -11.97
N ARG A 247 22.50 1.15 -11.14
CA ARG A 247 22.24 0.82 -9.74
C ARG A 247 23.31 1.43 -8.83
N SER A 248 23.50 2.73 -9.00
CA SER A 248 24.42 3.57 -8.23
C SER A 248 24.39 3.35 -6.70
N ILE A 249 25.57 3.44 -6.09
CA ILE A 249 25.76 3.03 -4.70
C ILE A 249 25.59 4.20 -3.75
N MET A 250 25.45 5.38 -4.31
CA MET A 250 25.17 6.55 -3.50
C MET A 250 23.81 6.40 -2.77
N LYS A 251 23.82 6.81 -1.50
CA LYS A 251 22.65 6.63 -0.67
C LYS A 251 21.51 7.36 -1.37
N PRO A 252 20.40 6.66 -1.63
CA PRO A 252 19.27 7.22 -2.36
C PRO A 252 18.97 8.70 -2.06
N GLY A 253 18.50 9.45 -3.06
CA GLY A 253 18.36 10.93 -2.97
C GLY A 253 19.52 11.70 -3.60
N SER A 254 20.58 10.97 -3.99
CA SER A 254 21.84 11.57 -4.44
C SER A 254 21.74 11.83 -5.94
N ILE A 255 21.89 13.12 -6.28
CA ILE A 255 21.69 13.61 -7.63
C ILE A 255 22.97 13.35 -8.36
N LEU A 256 22.88 12.60 -9.46
CA LEU A 256 24.08 12.17 -10.18
C LEU A 256 24.53 13.21 -11.25
N GLU A 257 23.68 13.38 -12.27
CA GLU A 257 23.92 14.26 -13.44
C GLU A 257 22.79 15.28 -13.46
N ARG A 258 23.14 16.54 -13.57
CA ARG A 258 22.20 17.59 -13.94
C ARG A 258 22.60 18.05 -15.32
N ASN A 259 21.63 18.12 -16.21
CA ASN A 259 21.79 18.91 -17.41
C ASN A 259 20.58 19.84 -17.45
N ASP A 260 20.20 20.28 -18.64
CA ASP A 260 19.02 21.13 -18.79
C ASP A 260 17.77 20.34 -19.14
N LYS A 261 17.95 19.11 -19.65
CA LYS A 261 16.81 18.21 -19.92
C LYS A 261 16.38 17.44 -18.68
N GLU A 262 17.33 17.01 -17.86
CA GLU A 262 17.04 16.01 -16.84
C GLU A 262 17.95 16.05 -15.61
N ILE A 263 17.48 15.41 -14.53
CA ILE A 263 18.28 15.10 -13.34
C ILE A 263 18.16 13.59 -13.07
N ILE A 264 19.26 12.85 -13.13
CA ILE A 264 19.28 11.44 -12.75
C ILE A 264 19.51 11.30 -11.24
N VAL A 265 18.78 10.35 -10.60
CA VAL A 265 18.79 10.18 -9.15
C VAL A 265 19.01 8.71 -8.73
N SER A 266 19.63 8.56 -7.56
CA SER A 266 19.92 7.27 -6.91
C SER A 266 18.66 6.74 -6.15
N THR A 267 18.25 5.50 -6.41
CA THR A 267 17.19 4.85 -5.58
C THR A 267 17.68 3.64 -4.76
N ILE A 268 16.72 3.04 -4.05
CA ILE A 268 16.83 1.71 -3.44
C ILE A 268 17.26 0.62 -4.41
N ASP A 269 16.81 0.71 -5.64
CA ASP A 269 17.30 -0.17 -6.67
C ASP A 269 17.80 0.63 -7.88
N TYR A 270 17.00 0.74 -8.93
CA TYR A 270 17.52 1.33 -10.15
C TYR A 270 17.43 2.84 -10.06
N ASP A 271 18.35 3.51 -10.74
CA ASP A 271 18.36 4.96 -10.81
C ASP A 271 17.17 5.30 -11.71
N VAL A 272 16.74 6.53 -11.53
CA VAL A 272 15.66 7.06 -12.29
C VAL A 272 16.07 8.39 -12.86
N VAL A 273 15.63 8.65 -14.09
CA VAL A 273 15.77 9.95 -14.70
C VAL A 273 14.50 10.72 -14.49
N LEU A 274 14.58 11.79 -13.72
CA LEU A 274 13.54 12.79 -13.72
C LEU A 274 13.76 13.78 -14.92
N TYR A 275 12.67 14.13 -15.60
CA TYR A 275 12.72 15.05 -16.71
C TYR A 275 12.21 16.39 -16.22
N LYS A 276 12.99 17.45 -16.40
CA LYS A 276 12.56 18.79 -15.99
C LYS A 276 11.30 19.23 -16.76
N ASP A 277 10.44 19.99 -16.11
CA ASP A 277 9.34 20.57 -16.82
C ASP A 277 9.76 21.76 -17.73
N ASN A 278 9.82 21.47 -19.04
CA ASN A 278 9.96 22.49 -20.06
C ASN A 278 8.63 22.72 -20.83
N PHE A 279 7.52 22.20 -20.33
CA PHE A 279 6.25 22.32 -21.05
C PHE A 279 6.00 23.70 -21.68
N LYS A 280 6.14 24.77 -20.91
CA LYS A 280 5.94 26.12 -21.43
C LYS A 280 6.85 26.44 -22.64
N GLU A 281 8.14 26.06 -22.53
CA GLU A 281 9.08 26.06 -23.64
C GLU A 281 8.49 25.33 -24.83
N ILE A 282 7.94 24.14 -24.63
CA ILE A 282 7.32 23.42 -25.74
C ILE A 282 6.16 24.21 -26.34
N LEU A 283 5.33 24.79 -25.48
CA LEU A 283 4.18 25.59 -25.97
C LEU A 283 4.55 26.75 -26.91
N GLU A 284 5.58 27.48 -26.54
CA GLU A 284 6.10 28.57 -27.36
C GLU A 284 6.71 28.07 -28.66
N ALA A 285 7.54 27.05 -28.59
CA ALA A 285 8.07 26.45 -29.80
C ALA A 285 7.02 25.86 -30.74
N CYS A 286 5.81 25.62 -30.25
CA CYS A 286 4.76 25.03 -31.07
C CYS A 286 4.14 26.10 -31.99
N LYS A 287 4.27 27.37 -31.61
CA LYS A 287 3.72 28.44 -32.42
C LYS A 287 4.25 28.25 -33.85
N TYR A 288 5.56 28.16 -34.01
CA TYR A 288 6.20 28.23 -35.36
C TYR A 288 7.24 27.19 -35.70
N SER A 289 7.66 26.31 -34.78
CA SER A 289 8.80 25.41 -35.06
C SER A 289 8.26 24.12 -35.59
N ASP A 290 9.14 23.30 -36.15
CA ASP A 290 8.71 22.07 -36.82
C ASP A 290 8.92 20.82 -35.93
N SER A 291 8.41 19.67 -36.41
CA SER A 291 8.46 18.34 -35.72
C SER A 291 9.82 18.12 -35.15
N LYS A 292 10.81 18.35 -36.00
CA LYS A 292 12.21 18.15 -35.72
C LYS A 292 12.66 18.82 -34.43
N TYR A 293 12.35 20.08 -34.27
CA TYR A 293 12.81 20.82 -33.11
C TYR A 293 12.07 20.43 -31.79
N ILE A 294 10.81 20.04 -31.91
CA ILE A 294 9.99 19.64 -30.78
C ILE A 294 10.41 18.21 -30.32
N ALA A 295 10.50 17.26 -31.26
CA ALA A 295 11.01 15.90 -30.95
C ALA A 295 12.31 15.92 -30.13
N LYS A 296 13.21 16.86 -30.43
CA LYS A 296 14.41 17.13 -29.59
C LYS A 296 14.10 17.64 -28.16
N LEU A 297 13.09 18.48 -28.05
CA LEU A 297 12.67 19.01 -26.77
C LEU A 297 12.01 17.97 -25.85
N ILE A 298 11.58 16.86 -26.43
CA ILE A 298 10.65 15.90 -25.79
C ILE A 298 11.37 14.69 -25.18
N ARG A 299 11.19 14.51 -23.87
CA ARG A 299 11.58 13.27 -23.21
C ARG A 299 10.34 12.37 -22.99
N ALA A 300 9.48 12.79 -22.08
CA ALA A 300 8.28 12.06 -21.80
C ALA A 300 7.23 12.41 -22.86
N LYS A 301 7.01 11.49 -23.77
CA LYS A 301 6.08 11.69 -24.88
C LYS A 301 4.74 12.40 -24.50
N SER A 302 4.15 11.93 -23.41
CA SER A 302 2.91 12.46 -22.92
C SER A 302 2.96 13.92 -22.50
N ILE A 303 4.13 14.54 -22.50
CA ILE A 303 4.16 16.00 -22.24
C ILE A 303 3.50 16.77 -23.40
N LEU A 304 3.46 16.15 -24.58
CA LEU A 304 2.75 16.67 -25.76
C LEU A 304 1.25 16.80 -25.57
N PHE A 305 0.71 16.25 -24.48
CA PHE A 305 -0.73 16.32 -24.23
C PHE A 305 -1.07 17.16 -23.02
N GLU A 306 -0.07 17.82 -22.43
CA GLU A 306 -0.35 18.76 -21.32
C GLU A 306 -1.04 20.01 -21.78
N LYS A 307 -1.70 20.67 -20.84
CA LYS A 307 -2.30 21.99 -21.05
C LYS A 307 -1.84 22.92 -19.96
N ASN A 308 -1.77 24.19 -20.31
CA ASN A 308 -1.49 25.25 -19.39
C ASN A 308 -2.82 25.64 -18.80
N ILE A 309 -2.83 26.63 -17.90
CA ILE A 309 -4.05 26.92 -17.11
C ILE A 309 -5.31 27.38 -17.91
N TYR A 310 -5.19 27.72 -19.20
CA TYR A 310 -6.36 28.06 -20.04
C TYR A 310 -6.83 26.92 -20.90
N GLY A 311 -6.10 25.82 -20.86
CA GLY A 311 -6.45 24.65 -21.65
C GLY A 311 -5.77 24.56 -23.01
N TRP A 312 -4.76 25.40 -23.29
CA TRP A 312 -4.03 25.28 -24.55
C TRP A 312 -3.06 24.15 -24.40
N SER A 313 -3.18 23.17 -25.28
CA SER A 313 -2.16 22.17 -25.51
C SER A 313 -1.25 22.56 -26.68
N PRO A 314 -0.22 21.74 -26.91
CA PRO A 314 0.51 21.77 -28.16
C PRO A 314 -0.35 21.79 -29.43
N VAL A 315 -1.35 20.90 -29.60
CA VAL A 315 -2.14 21.02 -30.84
C VAL A 315 -2.90 22.32 -30.91
N ILE A 316 -3.38 22.83 -29.77
CA ILE A 316 -4.18 24.06 -29.81
C ILE A 316 -3.36 25.27 -30.25
N VAL A 317 -2.19 25.45 -29.64
CA VAL A 317 -1.24 26.50 -29.98
C VAL A 317 -0.77 26.34 -31.43
N ALA A 318 -0.53 25.11 -31.84
CA ALA A 318 -0.10 24.85 -33.19
C ALA A 318 -1.18 25.22 -34.22
N ALA A 319 -2.43 24.90 -33.91
CA ALA A 319 -3.57 25.24 -34.77
C ALA A 319 -3.82 26.74 -34.91
N TYR A 320 -3.64 27.49 -33.83
CA TYR A 320 -3.86 28.95 -33.84
C TYR A 320 -2.84 29.69 -34.71
N HIS A 321 -1.65 29.14 -34.78
CA HIS A 321 -0.60 29.62 -35.65
C HIS A 321 -0.50 28.85 -36.97
N GLY A 322 -1.53 28.11 -37.34
CA GLY A 322 -1.52 27.31 -38.58
C GLY A 322 -0.31 26.44 -38.79
N ASN A 323 0.23 25.85 -37.71
CA ASN A 323 1.45 25.03 -37.76
C ASN A 323 1.00 23.59 -38.08
N ILE A 324 0.56 23.48 -39.32
CA ILE A 324 -0.08 22.31 -39.83
C ILE A 324 0.79 21.08 -39.78
N GLU A 325 2.08 21.18 -40.07
CA GLU A 325 2.90 19.99 -40.10
C GLU A 325 3.08 19.57 -38.68
N LEU A 326 3.22 20.54 -37.76
CA LEU A 326 3.36 20.19 -36.34
C LEU A 326 2.07 19.50 -35.85
N ILE A 327 0.91 19.98 -36.27
CA ILE A 327 -0.35 19.33 -35.93
C ILE A 327 -0.42 17.89 -36.33
N LYS A 328 -0.05 17.60 -37.57
CA LYS A 328 -0.12 16.21 -38.04
C LYS A 328 0.77 15.28 -37.20
N TRP A 329 1.97 15.76 -36.85
CA TRP A 329 2.94 14.96 -36.12
C TRP A 329 2.37 14.67 -34.74
N LEU A 330 1.92 15.74 -34.05
CA LEU A 330 1.22 15.66 -32.77
C LEU A 330 0.02 14.67 -32.74
N VAL A 331 -0.80 14.65 -33.78
CA VAL A 331 -1.88 13.67 -33.86
C VAL A 331 -1.32 12.24 -33.98
N SER A 332 -0.27 12.05 -34.79
CA SER A 332 0.39 10.74 -34.91
C SER A 332 0.99 10.25 -33.58
N LYS A 333 1.43 11.20 -32.75
CA LYS A 333 1.84 10.88 -31.41
C LYS A 333 0.65 10.53 -30.51
N GLY A 334 -0.55 10.93 -30.90
CA GLY A 334 -1.75 10.68 -30.10
C GLY A 334 -2.43 11.93 -29.54
N ALA A 335 -2.20 13.12 -30.12
CA ALA A 335 -2.97 14.31 -29.70
C ALA A 335 -4.36 14.21 -30.26
N ASN A 336 -5.26 14.89 -29.58
CA ASN A 336 -6.63 14.89 -29.99
C ASN A 336 -6.85 16.05 -30.97
N ILE A 337 -7.36 15.69 -32.15
CA ILE A 337 -7.53 16.65 -33.25
C ILE A 337 -8.63 17.63 -32.87
N ASN A 338 -9.59 17.19 -32.08
CA ASN A 338 -10.62 18.10 -31.58
C ASN A 338 -10.39 18.55 -30.10
N ASP A 339 -9.14 18.57 -29.66
CA ASP A 339 -8.81 19.01 -28.30
C ASP A 339 -9.40 20.39 -27.98
N ARG A 340 -9.84 20.62 -26.73
CA ARG A 340 -10.49 21.89 -26.33
C ARG A 340 -9.76 22.60 -25.21
N ASN A 341 -9.94 23.91 -25.13
CA ASN A 341 -9.48 24.64 -23.96
C ASN A 341 -10.59 24.64 -22.87
N TYR A 342 -10.41 25.44 -21.83
CA TYR A 342 -11.39 25.43 -20.74
C TYR A 342 -12.65 26.27 -20.91
N LYS A 343 -12.85 26.87 -22.08
CA LYS A 343 -14.12 27.44 -22.46
C LYS A 343 -14.78 26.58 -23.53
N GLY A 344 -14.25 25.40 -23.76
CA GLY A 344 -14.80 24.52 -24.78
C GLY A 344 -14.34 24.82 -26.20
N THR A 345 -13.53 25.89 -26.37
CA THR A 345 -13.03 26.30 -27.70
C THR A 345 -12.15 25.19 -28.34
N THR A 346 -12.56 24.78 -29.51
CA THR A 346 -11.95 23.66 -30.23
C THR A 346 -10.75 24.05 -31.09
N VAL A 347 -9.99 23.06 -31.48
CA VAL A 347 -8.90 23.21 -32.46
C VAL A 347 -9.41 23.91 -33.72
N ALA A 348 -10.56 23.46 -34.22
CA ALA A 348 -11.13 24.01 -35.46
C ALA A 348 -11.45 25.51 -35.31
N MET A 349 -11.73 25.95 -34.09
CA MET A 349 -11.90 27.35 -33.79
C MET A 349 -10.59 28.11 -33.81
N TYR A 350 -9.56 27.52 -33.25
CA TYR A 350 -8.26 28.19 -33.26
C TYR A 350 -7.73 28.34 -34.70
N PHE A 351 -7.90 27.29 -35.48
CA PHE A 351 -7.51 27.27 -36.87
C PHE A 351 -8.22 28.29 -37.72
N LYS A 352 -9.52 28.46 -37.50
CA LYS A 352 -10.29 29.47 -38.24
C LYS A 352 -9.69 30.87 -38.05
N ASP A 353 -9.19 31.16 -36.84
CA ASP A 353 -8.49 32.43 -36.64
C ASP A 353 -7.22 32.51 -37.45
N TYR A 354 -6.46 31.41 -37.54
CA TYR A 354 -5.32 31.41 -38.42
C TYR A 354 -5.78 31.63 -39.87
N MET A 355 -6.84 30.95 -40.29
CA MET A 355 -7.34 31.06 -41.64
C MET A 355 -7.72 32.51 -41.99
N LEU A 356 -8.41 33.18 -41.07
CA LEU A 356 -8.71 34.58 -41.23
C LEU A 356 -7.48 35.46 -41.34
N LYS A 357 -6.50 35.29 -40.47
CA LYS A 357 -5.33 36.19 -40.54
C LYS A 357 -4.49 35.98 -41.79
N SER A 358 -4.31 34.72 -42.17
CA SER A 358 -3.37 34.36 -43.23
C SER A 358 -4.05 34.35 -44.62
N GLY A 359 -5.38 34.30 -44.64
CA GLY A 359 -6.11 34.00 -45.86
C GLY A 359 -5.77 32.63 -46.48
N ASP A 360 -4.98 31.83 -45.75
CA ASP A 360 -4.55 30.53 -46.18
C ASP A 360 -5.46 29.49 -45.57
N TYR A 361 -6.41 29.05 -46.37
CA TYR A 361 -7.41 28.09 -46.00
C TYR A 361 -7.06 26.67 -46.30
N SER A 362 -5.91 26.46 -46.93
CA SER A 362 -5.69 25.22 -47.65
C SER A 362 -5.45 24.02 -46.74
N GLY A 363 -4.99 24.28 -45.51
CA GLY A 363 -4.65 23.21 -44.58
C GLY A 363 -5.90 22.58 -43.97
N LEU A 364 -7.05 23.19 -44.16
CA LEU A 364 -8.29 22.64 -43.59
C LEU A 364 -8.64 21.22 -43.99
N LYS A 365 -8.46 20.87 -45.25
CA LYS A 365 -8.86 19.56 -45.72
C LYS A 365 -8.02 18.50 -45.01
N MET A 366 -6.73 18.74 -44.87
CA MET A 366 -5.85 17.83 -44.17
C MET A 366 -6.37 17.55 -42.77
N LEU A 367 -6.80 18.60 -42.08
CA LEU A 367 -7.29 18.48 -40.70
C LEU A 367 -8.60 17.72 -40.66
N ILE A 368 -9.51 17.99 -41.60
CA ILE A 368 -10.78 17.26 -41.63
C ILE A 368 -10.49 15.77 -41.72
N ASP A 369 -9.58 15.40 -42.61
CA ASP A 369 -9.18 13.99 -42.75
C ASP A 369 -8.45 13.34 -41.57
N LEU A 370 -7.84 14.12 -40.68
CA LEU A 370 -7.39 13.60 -39.37
C LEU A 370 -8.52 13.49 -38.35
N GLY A 371 -9.69 14.07 -38.62
CA GLY A 371 -10.87 13.95 -37.77
C GLY A 371 -11.40 15.26 -37.23
N LEU A 372 -10.79 16.39 -37.63
CA LEU A 372 -11.30 17.70 -37.17
C LEU A 372 -12.84 17.82 -37.33
N ASP A 373 -13.53 18.32 -36.31
CA ASP A 373 -15.00 18.26 -36.29
C ASP A 373 -15.60 19.63 -36.09
N LEU A 374 -16.26 20.08 -37.15
CA LEU A 374 -16.70 21.45 -37.25
C LEU A 374 -18.07 21.65 -36.61
N THR A 375 -18.70 20.56 -36.15
CA THR A 375 -20.05 20.64 -35.58
C THR A 375 -20.05 20.88 -34.08
N LEU A 376 -18.89 20.79 -33.46
CA LEU A 376 -18.78 20.82 -32.02
C LEU A 376 -19.09 22.23 -31.59
N THR A 377 -19.51 22.39 -30.34
CA THR A 377 -19.85 23.70 -29.79
C THR A 377 -18.95 23.98 -28.59
N ASP A 378 -18.71 25.23 -28.31
CA ASP A 378 -18.00 25.58 -27.08
C ASP A 378 -19.05 25.63 -25.96
N TYR A 379 -18.72 26.25 -24.83
CA TYR A 379 -19.65 26.25 -23.70
C TYR A 379 -20.74 27.32 -23.84
N LYS A 380 -20.44 28.41 -24.55
CA LYS A 380 -21.46 29.39 -25.00
C LYS A 380 -22.40 28.78 -26.04
N ASP A 381 -22.11 27.58 -26.51
CA ASP A 381 -22.97 26.84 -27.43
C ASP A 381 -22.93 27.36 -28.89
N TYR A 382 -21.82 28.00 -29.22
CA TYR A 382 -21.54 28.47 -30.58
C TYR A 382 -20.66 27.43 -31.25
N THR A 383 -21.02 27.05 -32.48
CA THR A 383 -20.05 26.43 -33.40
C THR A 383 -19.16 27.48 -34.00
N VAL A 384 -18.10 27.02 -34.65
CA VAL A 384 -17.22 27.89 -35.44
C VAL A 384 -17.96 28.69 -36.53
N PHE A 385 -18.93 28.05 -37.16
CA PHE A 385 -19.85 28.73 -38.05
C PHE A 385 -20.52 29.99 -37.40
N ASP A 386 -20.99 29.84 -36.16
CA ASP A 386 -21.75 30.91 -35.53
C ASP A 386 -20.85 32.06 -35.33
N TYR A 387 -19.56 31.80 -35.09
CA TYR A 387 -18.62 32.89 -34.91
C TYR A 387 -18.33 33.67 -36.21
N LEU A 388 -18.12 32.94 -37.30
CA LEU A 388 -17.90 33.58 -38.59
C LEU A 388 -19.15 34.35 -39.06
N GLU A 389 -20.35 33.84 -38.78
CA GLU A 389 -21.58 34.51 -39.18
C GLU A 389 -21.81 35.79 -38.39
N LYS A 390 -21.55 35.75 -37.09
CA LYS A 390 -21.62 36.93 -36.22
C LYS A 390 -20.60 38.02 -36.65
N SER A 391 -19.40 37.62 -37.06
CA SER A 391 -18.35 38.59 -37.35
C SER A 391 -18.37 39.09 -38.80
N GLY A 392 -19.29 38.54 -39.62
CA GLY A 392 -19.49 38.96 -41.02
C GLY A 392 -18.56 38.31 -42.05
N ASN A 393 -17.88 37.23 -41.68
CA ASN A 393 -17.01 36.56 -42.64
C ASN A 393 -17.78 35.47 -43.37
N LYS A 394 -18.68 35.89 -44.24
CA LYS A 394 -19.55 34.93 -44.98
C LYS A 394 -18.69 34.02 -45.86
N ASN A 395 -17.56 34.54 -46.33
CA ASN A 395 -16.72 33.80 -47.25
C ASN A 395 -16.09 32.62 -46.56
N LEU A 396 -15.41 32.87 -45.45
CA LEU A 396 -14.71 31.80 -44.75
C LEU A 396 -15.73 30.82 -44.19
N LEU A 397 -16.86 31.34 -43.72
CA LEU A 397 -18.02 30.51 -43.32
C LEU A 397 -18.36 29.45 -44.34
N GLN A 398 -18.58 29.85 -45.58
CA GLN A 398 -19.12 28.92 -46.57
C GLN A 398 -18.04 27.96 -47.02
N TYR A 399 -16.79 28.41 -46.91
CA TYR A 399 -15.65 27.58 -47.26
C TYR A 399 -15.56 26.45 -46.25
N MET A 400 -15.67 26.80 -44.97
CA MET A 400 -15.53 25.82 -43.87
C MET A 400 -16.70 24.83 -43.92
N MET A 401 -17.90 25.32 -44.21
CA MET A 401 -19.07 24.43 -44.43
C MET A 401 -18.87 23.42 -45.56
N ALA A 402 -18.23 23.88 -46.65
CA ALA A 402 -17.97 23.03 -47.78
C ALA A 402 -17.13 21.83 -47.42
N PHE A 403 -16.27 21.97 -46.41
CA PHE A 403 -15.30 20.90 -46.08
C PHE A 403 -15.69 20.04 -44.88
N MET A 404 -16.59 20.54 -44.02
CA MET A 404 -17.04 19.75 -42.86
C MET A 404 -17.59 18.38 -43.28
N LYS A 405 -17.34 17.37 -42.46
CA LYS A 405 -18.10 16.13 -42.55
C LYS A 405 -18.64 15.78 -41.19
N MET B 8 34.12 -26.07 0.75
CA MET B 8 33.83 -26.45 2.15
C MET B 8 34.16 -25.32 3.16
N LYS B 9 33.86 -24.07 2.78
CA LYS B 9 33.90 -22.95 3.73
C LYS B 9 32.64 -22.10 3.60
N ILE B 10 32.19 -21.53 4.72
CA ILE B 10 30.99 -20.72 4.74
C ILE B 10 31.07 -19.58 5.77
N ILE B 11 30.59 -18.43 5.32
CA ILE B 11 30.60 -17.25 6.11
C ILE B 11 29.14 -16.94 6.33
N ILE B 12 28.71 -16.96 7.60
CA ILE B 12 27.35 -16.66 7.93
C ILE B 12 27.34 -15.30 8.58
N ALA B 13 26.66 -14.38 7.93
CA ALA B 13 26.69 -12.99 8.33
C ALA B 13 25.27 -12.70 8.67
N GLY B 14 25.05 -12.28 9.90
CA GLY B 14 23.70 -12.03 10.40
C GLY B 14 23.51 -12.17 11.90
N LYS B 15 22.26 -12.43 12.26
CA LYS B 15 21.78 -12.35 13.65
C LYS B 15 20.60 -13.30 13.98
N ASN B 16 20.29 -13.36 15.28
CA ASN B 16 19.07 -13.98 15.79
C ASN B 16 18.99 -15.46 15.48
N ASP B 17 17.79 -16.01 15.73
CA ASP B 17 17.58 -17.44 15.79
C ASP B 17 17.90 -18.14 14.46
N ILE B 18 17.72 -17.44 13.36
CA ILE B 18 17.95 -18.08 12.06
C ILE B 18 19.45 -18.31 11.82
N ALA B 19 20.26 -17.32 12.21
CA ALA B 19 21.71 -17.41 12.16
C ALA B 19 22.16 -18.57 12.96
N VAL B 20 21.58 -18.72 14.15
CA VAL B 20 21.97 -19.81 15.07
C VAL B 20 21.49 -21.19 14.59
N ASN B 21 20.26 -21.24 14.07
CA ASN B 21 19.68 -22.49 13.59
C ASN B 21 20.42 -23.02 12.40
N VAL B 22 20.77 -22.16 11.43
CA VAL B 22 21.46 -22.59 10.22
C VAL B 22 22.87 -23.08 10.58
N THR B 23 23.54 -22.31 11.44
CA THR B 23 24.85 -22.63 11.93
C THR B 23 24.88 -23.96 12.70
N ARG B 24 23.96 -24.12 13.62
CA ARG B 24 23.85 -25.36 14.37
C ARG B 24 23.48 -26.54 13.46
N TRP B 25 22.59 -26.33 12.49
CA TRP B 25 22.34 -27.41 11.55
C TRP B 25 23.65 -27.81 10.86
N LEU B 26 24.38 -26.85 10.30
CA LEU B 26 25.64 -27.19 9.64
C LEU B 26 26.62 -27.97 10.51
N GLN B 27 26.81 -27.56 11.75
CA GLN B 27 27.78 -28.23 12.60
C GLN B 27 27.46 -29.72 12.83
N LYS B 28 26.19 -30.06 12.88
CA LYS B 28 25.72 -31.43 13.10
C LYS B 28 25.73 -32.25 11.82
N LYS B 29 25.39 -31.62 10.70
CA LYS B 29 25.11 -32.33 9.48
C LYS B 29 26.20 -32.20 8.43
N LYS B 30 26.98 -31.13 8.46
CA LYS B 30 28.18 -31.04 7.65
C LYS B 30 29.35 -30.66 8.55
N LYS B 31 29.78 -31.61 9.37
CA LYS B 31 30.88 -31.42 10.33
C LYS B 31 32.22 -31.06 9.67
N ASN B 32 32.39 -31.31 8.37
CA ASN B 32 33.64 -30.98 7.71
C ASN B 32 33.78 -29.54 7.22
N ILE B 33 32.69 -28.77 7.26
CA ILE B 33 32.69 -27.39 6.76
C ILE B 33 33.34 -26.46 7.80
N GLU B 34 34.25 -25.60 7.37
CA GLU B 34 34.71 -24.52 8.23
C GLU B 34 33.69 -23.39 8.23
N ILE B 35 33.35 -22.91 9.40
CA ILE B 35 32.39 -21.86 9.56
C ILE B 35 33.06 -20.59 10.09
N TYR B 36 32.82 -19.49 9.38
CA TYR B 36 33.14 -18.16 9.86
C TYR B 36 31.84 -17.37 10.00
N ALA B 37 31.85 -16.45 10.96
CA ALA B 37 30.69 -15.63 11.28
C ALA B 37 31.02 -14.17 11.29
N ILE B 38 30.03 -13.36 10.92
CA ILE B 38 30.01 -11.95 11.13
C ILE B 38 28.70 -11.63 11.83
N CYS B 39 28.82 -10.75 12.82
CA CYS B 39 27.75 -10.33 13.67
C CYS B 39 27.32 -8.90 13.35
N ASN B 40 26.06 -8.62 13.63
CA ASN B 40 25.52 -7.30 13.40
C ASN B 40 25.97 -6.38 14.54
N ALA B 41 25.97 -5.09 14.27
CA ALA B 41 26.51 -4.07 15.18
C ALA B 41 25.95 -4.13 16.58
N ASN B 42 24.63 -4.26 16.65
CA ASN B 42 23.90 -4.17 17.90
C ASN B 42 23.60 -5.51 18.55
N ASP B 43 24.26 -6.57 18.06
CA ASP B 43 24.31 -7.85 18.74
C ASP B 43 25.25 -7.57 19.90
N THR B 44 24.68 -7.48 21.09
CA THR B 44 25.47 -7.20 22.28
C THR B 44 25.90 -8.49 22.99
N GLY B 45 25.74 -9.65 22.37
CA GLY B 45 26.22 -10.90 22.95
C GLY B 45 25.35 -11.49 24.05
N ILE B 46 24.14 -10.98 24.21
CA ILE B 46 23.25 -11.37 25.29
C ILE B 46 21.95 -11.88 24.67
N ASP B 47 21.46 -13.03 25.10
CA ASP B 47 20.16 -13.53 24.58
C ASP B 47 18.99 -12.76 25.17
N THR B 48 17.98 -12.55 24.32
CA THR B 48 16.69 -11.99 24.71
C THR B 48 15.66 -12.98 24.15
N PHE B 49 14.48 -12.50 23.78
CA PHE B 49 13.57 -13.33 23.01
C PHE B 49 14.16 -13.81 21.68
N GLN B 50 15.25 -13.16 21.26
CA GLN B 50 16.10 -13.58 20.14
CA GLN B 50 16.05 -13.74 20.19
C GLN B 50 17.45 -14.11 20.70
N ARG B 51 17.91 -15.25 20.22
CA ARG B 51 19.27 -15.70 20.51
C ARG B 51 20.27 -14.68 19.94
N SER B 52 21.32 -14.38 20.69
CA SER B 52 22.51 -13.67 20.21
C SER B 52 23.37 -14.63 19.40
N PHE B 53 23.64 -14.28 18.14
CA PHE B 53 24.48 -15.11 17.28
C PHE B 53 25.93 -14.92 17.74
N LYS B 54 26.28 -13.76 18.31
CA LYS B 54 27.66 -13.50 18.72
C LYS B 54 28.02 -14.45 19.84
N LYS B 55 27.09 -14.55 20.79
CA LYS B 55 27.23 -15.46 21.92
C LYS B 55 27.34 -16.92 21.45
N TYR B 56 26.43 -17.36 20.61
CA TYR B 56 26.52 -18.71 20.09
C TYR B 56 27.89 -18.96 19.48
N CYS B 57 28.37 -18.01 18.70
CA CYS B 57 29.64 -18.24 17.99
C CYS B 57 30.83 -18.30 18.95
N LYS B 58 30.90 -17.37 19.90
CA LYS B 58 31.94 -17.45 20.93
C LYS B 58 31.89 -18.82 21.68
N ASP B 59 30.69 -19.29 22.01
CA ASP B 59 30.55 -20.58 22.71
C ASP B 59 30.83 -21.83 21.91
N ASN B 60 30.86 -21.74 20.57
CA ASN B 60 31.15 -22.90 19.73
C ASN B 60 32.47 -22.80 19.03
N LEU B 61 33.26 -21.81 19.47
CA LEU B 61 34.54 -21.47 18.92
C LEU B 61 34.48 -21.13 17.43
N ILE B 62 33.52 -20.34 17.04
CA ILE B 62 33.41 -19.98 15.61
C ILE B 62 34.09 -18.65 15.52
N PRO B 63 35.12 -18.57 14.66
CA PRO B 63 35.81 -17.32 14.58
C PRO B 63 34.86 -16.27 14.00
N ILE B 64 34.84 -15.13 14.65
CA ILE B 64 34.05 -13.97 14.24
C ILE B 64 34.91 -12.99 13.49
N ILE B 65 34.60 -12.83 12.21
CA ILE B 65 35.45 -12.02 11.30
C ILE B 65 34.70 -10.72 10.99
N SER B 66 35.32 -9.90 10.15
CA SER B 66 34.73 -8.69 9.60
C SER B 66 34.44 -8.90 8.14
N LEU B 67 33.69 -7.95 7.59
CA LEU B 67 33.47 -7.85 6.14
C LEU B 67 34.79 -7.69 5.28
N ALA B 68 35.72 -6.85 5.70
CA ALA B 68 37.03 -6.74 5.02
C ALA B 68 37.70 -8.09 4.87
N GLU B 69 37.71 -8.89 5.94
CA GLU B 69 38.29 -10.22 5.87
C GLU B 69 37.49 -11.16 4.98
N ALA B 70 36.17 -11.05 5.03
CA ALA B 70 35.29 -11.89 4.18
C ALA B 70 35.63 -11.72 2.69
N TYR B 71 35.94 -10.48 2.31
CA TYR B 71 36.29 -10.24 0.89
C TYR B 71 37.46 -11.13 0.38
N LYS B 72 38.38 -11.51 1.27
CA LYS B 72 39.60 -12.22 0.87
C LYS B 72 39.47 -13.72 0.96
N ILE B 73 38.34 -14.27 1.41
CA ILE B 73 38.27 -15.71 1.62
C ILE B 73 37.57 -16.34 0.41
N ASP B 74 38.35 -16.53 -0.64
CA ASP B 74 37.85 -16.80 -1.99
C ASP B 74 36.99 -18.04 -2.16
N ASP B 75 37.24 -19.08 -1.36
CA ASP B 75 36.55 -20.37 -1.58
C ASP B 75 35.30 -20.48 -0.73
N ALA B 76 34.96 -19.45 0.03
CA ALA B 76 33.75 -19.49 0.88
C ALA B 76 32.50 -19.13 0.09
N ILE B 77 31.36 -19.57 0.57
CA ILE B 77 30.13 -18.89 0.22
C ILE B 77 29.75 -17.95 1.37
N PHE B 78 29.09 -16.86 1.01
CA PHE B 78 28.77 -15.79 1.95
C PHE B 78 27.26 -15.75 2.07
N LEU B 79 26.77 -16.13 3.26
CA LEU B 79 25.34 -16.18 3.55
C LEU B 79 24.91 -15.12 4.55
N SER B 80 24.10 -14.19 4.09
CA SER B 80 23.54 -13.13 4.94
C SER B 80 22.18 -13.52 5.51
N LEU B 81 22.10 -13.60 6.82
CA LEU B 81 20.81 -13.92 7.47
C LEU B 81 20.45 -12.70 8.30
N GLU B 82 19.86 -11.71 7.63
CA GLU B 82 19.54 -10.36 8.16
C GLU B 82 20.77 -9.54 8.56
N PHE B 83 21.85 -9.65 7.78
CA PHE B 83 23.09 -8.90 8.02
C PHE B 83 22.73 -7.42 7.86
N ASP B 84 23.36 -6.56 8.66
CA ASP B 84 22.94 -5.15 8.70
C ASP B 84 23.82 -4.14 7.87
N LYS B 85 24.81 -4.65 7.14
CA LYS B 85 25.76 -3.79 6.44
CA LYS B 85 25.80 -3.82 6.45
C LYS B 85 25.79 -4.11 4.95
N ILE B 86 25.85 -3.04 4.15
CA ILE B 86 25.92 -3.15 2.70
C ILE B 86 27.31 -3.65 2.35
N VAL B 87 27.35 -4.43 1.30
CA VAL B 87 28.40 -5.27 0.94
C VAL B 87 28.63 -4.87 -0.51
N GLN B 88 29.88 -4.92 -0.95
CA GLN B 88 30.28 -4.68 -2.35
C GLN B 88 30.31 -6.00 -3.06
N PRO B 89 29.21 -6.38 -3.74
CA PRO B 89 29.23 -7.71 -4.32
C PRO B 89 30.39 -7.99 -5.28
N SER B 90 30.76 -7.01 -6.08
CA SER B 90 31.83 -7.23 -7.08
C SER B 90 33.23 -7.40 -6.45
N LYS B 91 33.38 -7.03 -5.19
CA LYS B 91 34.70 -7.12 -4.59
C LYS B 91 35.06 -8.58 -4.27
N PHE B 92 34.06 -9.43 -4.05
CA PHE B 92 34.33 -10.86 -3.84
C PHE B 92 34.90 -11.43 -5.13
N ASN B 93 35.83 -12.37 -5.03
CA ASN B 93 36.28 -13.09 -6.21
C ASN B 93 35.44 -14.26 -6.63
N HIS B 94 34.28 -14.42 -6.01
CA HIS B 94 33.25 -15.35 -6.47
C HIS B 94 31.91 -14.60 -6.43
N ASN B 95 30.89 -15.26 -6.93
CA ASN B 95 29.51 -14.75 -7.00
C ASN B 95 28.52 -15.44 -6.04
N GLU B 96 29.05 -16.33 -5.23
CA GLU B 96 28.29 -17.08 -4.26
C GLU B 96 27.89 -16.26 -3.00
N LEU B 97 26.96 -15.32 -3.20
CA LEU B 97 26.59 -14.36 -2.18
C LEU B 97 25.09 -14.40 -2.04
N PHE B 98 24.62 -14.87 -0.87
CA PHE B 98 23.20 -15.09 -0.68
C PHE B 98 22.63 -14.33 0.51
N ASN B 99 21.31 -14.14 0.47
CA ASN B 99 20.61 -13.44 1.51
C ASN B 99 19.26 -14.07 1.69
N ILE B 100 18.87 -14.21 2.97
CA ILE B 100 17.46 -14.49 3.34
C ILE B 100 16.78 -13.18 3.70
N HIS B 101 15.72 -12.90 2.98
CA HIS B 101 14.91 -11.73 3.27
C HIS B 101 13.53 -12.18 3.66
N PHE B 102 12.99 -11.53 4.70
CA PHE B 102 11.69 -11.92 5.27
C PHE B 102 10.54 -11.22 4.54
N SER B 103 10.35 -11.59 3.29
CA SER B 103 9.20 -11.15 2.54
C SER B 103 9.21 -11.92 1.24
N TYR B 104 8.12 -11.76 0.50
CA TYR B 104 8.00 -12.32 -0.84
C TYR B 104 8.39 -11.25 -1.83
N LEU B 105 9.67 -11.23 -2.17
CA LEU B 105 10.21 -10.21 -3.01
C LEU B 105 9.59 -10.39 -4.41
N PRO B 106 9.40 -9.30 -5.14
CA PRO B 106 9.92 -7.95 -4.83
C PRO B 106 9.10 -6.99 -3.92
N LYS B 107 8.00 -7.48 -3.35
CA LYS B 107 7.27 -6.67 -2.35
C LYS B 107 7.98 -6.66 -1.01
N TYR B 108 7.87 -5.56 -0.30
CA TYR B 108 8.24 -5.46 1.10
C TYR B 108 9.74 -5.66 1.31
N LYS B 109 10.52 -5.09 0.41
CA LYS B 109 11.95 -4.86 0.63
C LYS B 109 12.13 -3.95 1.86
N GLY B 110 13.31 -4.00 2.48
CA GLY B 110 13.58 -3.09 3.58
C GLY B 110 13.13 -3.60 4.95
N MET B 111 12.49 -2.70 5.71
CA MET B 111 12.21 -2.87 7.14
C MET B 111 10.78 -3.29 7.53
N TYR B 112 10.70 -3.84 8.75
CA TYR B 112 9.46 -4.06 9.46
C TYR B 112 8.52 -4.91 8.65
N THR B 113 9.07 -5.99 8.10
CA THR B 113 8.33 -6.91 7.24
C THR B 113 7.32 -7.82 7.90
N SER B 114 7.41 -7.96 9.21
CA SER B 114 6.32 -8.59 9.96
CA SER B 114 6.32 -8.58 9.98
C SER B 114 5.14 -7.61 10.21
N ALA B 115 5.37 -6.31 10.03
CA ALA B 115 4.33 -5.29 10.23
C ALA B 115 3.63 -4.85 8.94
N TRP B 116 4.39 -4.36 7.96
CA TRP B 116 3.74 -3.78 6.77
C TRP B 116 2.76 -4.75 5.99
N PRO B 117 3.13 -6.03 5.84
CA PRO B 117 2.14 -6.74 5.05
C PRO B 117 0.80 -6.78 5.74
N ILE B 118 0.83 -6.84 7.05
CA ILE B 118 -0.39 -6.94 7.82
C ILE B 118 -1.13 -5.62 7.74
N LEU B 119 -0.42 -4.53 8.01
CA LEU B 119 -0.96 -3.18 7.88
C LEU B 119 -1.64 -2.94 6.56
N ASN B 120 -1.04 -3.43 5.49
CA ASN B 120 -1.63 -3.21 4.16
C ASN B 120 -2.71 -4.22 3.82
N GLY B 121 -3.11 -5.04 4.80
CA GLY B 121 -4.22 -5.97 4.58
C GLY B 121 -3.86 -7.13 3.67
N GLU B 122 -2.57 -7.48 3.61
CA GLU B 122 -2.16 -8.65 2.87
C GLU B 122 -2.64 -9.96 3.52
N ASP B 123 -2.96 -10.91 2.66
CA ASP B 123 -3.31 -12.28 3.03
C ASP B 123 -2.09 -13.13 3.17
N THR B 124 -1.05 -12.85 2.34
CA THR B 124 0.20 -13.60 2.35
C THR B 124 1.41 -12.71 2.56
N SER B 125 2.51 -13.35 2.95
CA SER B 125 3.85 -12.77 2.86
C SER B 125 4.77 -13.89 2.42
N GLY B 126 6.05 -13.81 2.73
CA GLY B 126 6.96 -14.90 2.37
C GLY B 126 8.40 -14.70 2.83
N VAL B 127 9.25 -15.67 2.52
CA VAL B 127 10.70 -15.53 2.72
C VAL B 127 11.33 -15.82 1.39
N THR B 128 12.45 -15.15 1.13
CA THR B 128 13.05 -15.17 -0.16
C THR B 128 14.54 -15.37 0.02
N LEU B 129 15.10 -16.32 -0.71
CA LEU B 129 16.53 -16.60 -0.75
C LEU B 129 17.04 -16.08 -2.09
N HIS B 130 17.92 -15.10 -2.06
CA HIS B 130 18.32 -14.42 -3.28
C HIS B 130 19.80 -14.09 -3.28
N LYS B 131 20.31 -13.61 -4.43
CA LYS B 131 21.69 -13.14 -4.53
C LYS B 131 21.80 -11.76 -3.92
N ILE B 132 22.94 -11.47 -3.34
CA ILE B 132 23.26 -10.12 -2.92
C ILE B 132 23.70 -9.39 -4.16
N ASP B 133 23.05 -8.28 -4.49
CA ASP B 133 23.46 -7.46 -5.63
C ASP B 133 23.56 -6.01 -5.23
N HIS B 134 23.73 -5.16 -6.23
CA HIS B 134 23.84 -3.72 -6.06
C HIS B 134 22.56 -3.09 -5.57
N GLY B 135 21.42 -3.74 -5.80
CA GLY B 135 20.20 -3.30 -5.12
C GLY B 135 20.14 -3.71 -3.64
N ILE B 136 19.35 -2.97 -2.85
CA ILE B 136 18.90 -3.44 -1.54
C ILE B 136 17.78 -4.45 -1.74
N ASP B 137 17.99 -5.66 -1.26
CA ASP B 137 17.01 -6.73 -1.32
C ASP B 137 16.51 -6.90 -2.76
N THR B 138 17.43 -6.72 -3.71
CA THR B 138 17.11 -6.63 -5.12
C THR B 138 17.77 -7.70 -6.02
N GLY B 139 18.78 -8.40 -5.52
CA GLY B 139 19.43 -9.45 -6.30
C GLY B 139 18.47 -10.55 -6.64
N ALA B 140 18.88 -11.40 -7.57
CA ALA B 140 17.98 -12.34 -8.25
C ALA B 140 17.54 -13.44 -7.32
N ILE B 141 16.38 -13.99 -7.65
CA ILE B 141 15.74 -14.94 -6.80
C ILE B 141 16.25 -16.34 -7.12
N ILE B 142 16.40 -17.13 -6.04
CA ILE B 142 16.84 -18.50 -6.10
C ILE B 142 15.76 -19.42 -5.55
N ALA B 143 15.04 -18.95 -4.53
CA ALA B 143 14.10 -19.80 -3.86
C ALA B 143 13.23 -18.95 -2.97
N GLN B 144 11.97 -19.30 -2.92
CA GLN B 144 10.95 -18.42 -2.37
C GLN B 144 9.88 -19.28 -1.76
N LYS B 145 9.36 -18.81 -0.64
CA LYS B 145 8.33 -19.50 0.08
C LYS B 145 7.21 -18.52 0.39
N GLU B 146 6.04 -18.79 -0.18
CA GLU B 146 4.80 -18.11 0.22
C GLU B 146 4.35 -18.54 1.61
N ILE B 147 4.04 -17.54 2.45
CA ILE B 147 3.52 -17.75 3.79
C ILE B 147 2.13 -17.14 3.91
N ILE B 148 1.19 -17.89 4.45
CA ILE B 148 -0.17 -17.43 4.61
C ILE B 148 -0.21 -16.77 5.96
N ILE B 149 -0.79 -15.58 6.05
CA ILE B 149 -0.97 -14.92 7.33
C ILE B 149 -2.40 -15.17 7.64
N GLN B 150 -2.70 -15.55 8.87
CA GLN B 150 -4.07 -15.90 9.26
C GLN B 150 -4.73 -14.71 9.90
N PRO B 151 -6.04 -14.60 9.74
CA PRO B 151 -6.66 -13.35 10.21
C PRO B 151 -6.44 -13.07 11.69
N PHE B 152 -6.36 -14.12 12.50
CA PHE B 152 -6.09 -13.94 13.94
C PHE B 152 -4.63 -13.53 14.31
N GLU B 153 -3.69 -13.59 13.37
CA GLU B 153 -2.25 -13.62 13.65
C GLU B 153 -1.66 -12.22 13.65
N THR B 154 -0.66 -12.05 14.53
CA THR B 154 0.00 -10.78 14.74
C THR B 154 1.32 -10.73 14.02
N ALA B 155 1.94 -9.55 14.09
CA ALA B 155 3.32 -9.38 13.75
C ALA B 155 4.24 -10.45 14.38
N LYS B 156 4.04 -10.72 15.67
CA LYS B 156 4.84 -11.73 16.37
C LYS B 156 4.64 -13.09 15.72
N ASP B 157 3.38 -13.46 15.49
CA ASP B 157 3.09 -14.73 14.85
C ASP B 157 3.73 -14.86 13.48
N LEU B 158 3.67 -13.81 12.67
CA LEU B 158 4.26 -13.83 11.33
C LEU B 158 5.81 -13.88 11.38
N TYR B 159 6.43 -13.11 12.30
CA TYR B 159 7.91 -13.12 12.45
C TYR B 159 8.42 -14.54 12.76
N GLU B 160 7.72 -15.22 13.66
CA GLU B 160 8.00 -16.63 13.99
C GLU B 160 7.91 -17.57 12.79
N LYS B 161 6.95 -17.32 11.91
CA LYS B 161 6.91 -17.99 10.60
C LYS B 161 8.10 -17.64 9.71
N TYR B 162 8.50 -16.38 9.69
CA TYR B 162 9.69 -15.99 8.97
C TYR B 162 10.91 -16.76 9.48
N ILE B 163 11.05 -16.89 10.81
CA ILE B 163 12.17 -17.65 11.37
C ILE B 163 12.16 -19.12 10.91
N SER B 164 11.04 -19.79 11.10
CA SER B 164 10.92 -21.21 10.83
C SER B 164 11.14 -21.41 9.34
N GLU B 165 10.41 -20.65 8.53
CA GLU B 165 10.45 -20.85 7.09
C GLU B 165 11.73 -20.42 6.42
N GLY B 166 12.35 -19.38 6.92
CA GLY B 166 13.67 -18.99 6.36
C GLY B 166 14.76 -20.02 6.67
N THR B 167 14.73 -20.52 7.89
CA THR B 167 15.70 -21.52 8.33
C THR B 167 15.60 -22.70 7.37
N SER B 168 14.39 -23.25 7.30
CA SER B 168 14.08 -24.31 6.33
C SER B 168 14.51 -24.04 4.92
N LEU B 169 14.25 -22.84 4.43
CA LEU B 169 14.57 -22.48 3.05
C LEU B 169 16.08 -22.58 2.79
N VAL B 170 16.86 -22.25 3.82
CA VAL B 170 18.29 -22.29 3.70
C VAL B 170 18.65 -23.76 3.63
N ILE B 171 18.24 -24.50 4.63
CA ILE B 171 18.57 -25.90 4.75
C ILE B 171 18.17 -26.73 3.53
N ASP B 172 16.99 -26.47 2.95
CA ASP B 172 16.54 -27.18 1.72
C ASP B 172 17.48 -26.97 0.57
N ASN B 173 17.98 -25.75 0.46
CA ASN B 173 18.82 -25.36 -0.64
C ASN B 173 20.33 -25.35 -0.39
N ILE B 174 20.74 -25.83 0.76
CA ILE B 174 22.14 -25.66 1.16
C ILE B 174 23.16 -26.24 0.16
N SER B 175 22.82 -27.34 -0.49
CA SER B 175 23.75 -27.95 -1.50
C SER B 175 23.88 -27.19 -2.82
N THR B 176 22.76 -26.80 -3.41
CA THR B 176 22.80 -25.86 -4.55
C THR B 176 23.78 -24.76 -4.23
N LEU B 177 23.61 -24.16 -3.05
CA LEU B 177 24.46 -23.03 -2.66
C LEU B 177 25.91 -23.44 -2.61
N LEU B 178 26.15 -24.55 -1.91
CA LEU B 178 27.51 -25.07 -1.67
C LEU B 178 28.20 -25.47 -2.97
N ASN B 179 27.42 -26.01 -3.91
CA ASN B 179 27.92 -26.43 -5.20
C ASN B 179 27.79 -25.40 -6.30
N SER B 180 27.11 -24.28 -6.05
CA SER B 180 26.85 -23.27 -7.08
C SER B 180 26.12 -23.83 -8.29
N GLU B 181 25.05 -24.60 -8.09
CA GLU B 181 24.25 -25.21 -9.16
C GLU B 181 22.79 -24.77 -9.04
N TYR B 182 22.60 -23.47 -8.96
CA TYR B 182 21.28 -22.85 -8.74
C TYR B 182 20.96 -21.92 -9.94
N VAL B 183 19.68 -21.65 -10.14
CA VAL B 183 19.26 -20.70 -11.21
C VAL B 183 18.91 -19.33 -10.63
N GLU B 184 19.48 -18.27 -11.19
CA GLU B 184 19.16 -16.90 -10.81
C GLU B 184 18.05 -16.40 -11.73
N LYS B 185 16.87 -16.06 -11.18
CA LYS B 185 15.81 -15.30 -11.90
C LYS B 185 15.70 -13.90 -11.35
N GLU B 186 15.91 -12.90 -12.21
CA GLU B 186 15.93 -11.50 -11.80
C GLU B 186 14.57 -11.02 -11.29
N GLN B 187 14.59 -10.03 -10.42
CA GLN B 187 13.34 -9.58 -9.77
C GLN B 187 12.57 -8.65 -10.72
N ASN B 188 11.25 -8.77 -10.71
CA ASN B 188 10.42 -7.76 -11.34
C ASN B 188 10.54 -6.40 -10.65
N ILE B 189 10.62 -5.36 -11.47
CA ILE B 189 10.44 -4.00 -11.04
C ILE B 189 8.97 -3.78 -10.66
N LYS B 190 8.05 -4.46 -11.37
CA LYS B 190 6.61 -4.27 -11.20
C LYS B 190 6.07 -4.81 -9.86
N TYR B 191 5.42 -3.92 -9.13
CA TYR B 191 4.89 -4.13 -7.77
C TYR B 191 5.96 -4.20 -6.67
N SER B 192 7.17 -3.78 -7.00
CA SER B 192 8.24 -3.77 -6.02
C SER B 192 7.88 -2.70 -5.02
N SER B 193 8.13 -2.97 -3.75
CA SER B 193 8.00 -1.95 -2.73
C SER B 193 9.16 -2.03 -1.74
N TYR B 194 9.39 -0.91 -1.04
CA TYR B 194 10.43 -0.80 -0.03
C TYR B 194 9.95 0.13 1.08
N TYR B 195 10.19 -0.25 2.34
CA TYR B 195 9.89 0.62 3.46
C TYR B 195 11.12 0.90 4.31
N SER B 196 11.40 2.15 4.58
CA SER B 196 12.54 2.49 5.41
C SER B 196 12.22 2.33 6.90
N LYS B 197 13.23 2.51 7.73
CA LYS B 197 13.04 2.54 9.16
C LYS B 197 12.17 3.74 9.58
N LYS B 198 12.20 4.80 8.78
CA LYS B 198 11.37 5.99 8.99
C LYS B 198 9.87 5.73 8.78
N THR B 199 9.51 4.69 8.06
CA THR B 199 8.08 4.41 7.80
C THR B 199 7.21 4.19 9.04
N ILE B 200 7.82 3.80 10.16
CA ILE B 200 7.10 3.54 11.41
C ILE B 200 7.97 4.08 12.54
N ASP B 201 7.40 4.89 13.41
CA ASP B 201 8.16 5.42 14.50
C ASP B 201 7.75 4.66 15.73
N TYR B 202 8.45 3.56 16.00
CA TYR B 202 8.12 2.72 17.12
C TYR B 202 8.35 3.39 18.52
N SER B 203 9.15 4.46 18.62
CA SER B 203 9.25 5.22 19.87
C SER B 203 8.13 6.27 20.11
N ASN B 204 7.25 6.51 19.14
CA ASN B 204 6.09 7.39 19.36
C ASN B 204 4.87 6.77 18.75
N LEU B 205 4.67 5.50 19.07
CA LEU B 205 3.71 4.68 18.35
C LEU B 205 2.29 5.07 18.75
N GLU B 206 1.54 5.51 17.76
CA GLU B 206 0.17 5.94 17.97
C GLU B 206 -0.79 5.31 16.96
N LEU B 207 -1.81 4.63 17.47
CA LEU B 207 -2.87 4.10 16.60
C LEU B 207 -3.56 5.23 15.79
N ASN B 208 -3.90 4.94 14.53
CA ASN B 208 -4.59 5.92 13.70
C ASN B 208 -5.99 5.45 13.36
N PHE B 209 -6.96 6.14 13.95
CA PHE B 209 -8.39 5.80 13.88
C PHE B 209 -9.13 6.48 12.74
N SER B 210 -8.44 7.41 12.07
CA SER B 210 -8.91 7.97 10.82
C SER B 210 -8.69 6.99 9.67
N LYS B 211 -9.20 5.77 9.87
CA LYS B 211 -9.04 4.67 8.95
C LYS B 211 -10.26 3.78 9.06
N THR B 212 -10.42 2.84 8.16
CA THR B 212 -11.51 1.90 8.28
C THR B 212 -11.23 0.94 9.41
N ALA B 213 -12.28 0.27 9.84
CA ALA B 213 -12.16 -0.64 10.91
C ALA B 213 -11.26 -1.82 10.52
N PHE B 214 -11.32 -2.23 9.26
CA PHE B 214 -10.48 -3.29 8.75
C PHE B 214 -9.02 -2.90 8.95
N GLU B 215 -8.68 -1.72 8.49
CA GLU B 215 -7.34 -1.15 8.65
C GLU B 215 -6.88 -1.10 10.12
N ILE B 216 -7.81 -0.76 11.01
CA ILE B 216 -7.46 -0.43 12.39
C ILE B 216 -7.11 -1.69 13.20
N ILE B 217 -7.89 -2.73 12.97
CA ILE B 217 -7.60 -4.03 13.49
C ILE B 217 -6.27 -4.48 12.92
N ASN B 218 -6.06 -4.25 11.62
CA ASN B 218 -4.79 -4.57 11.06
C ASN B 218 -3.63 -3.79 11.66
N GLN B 219 -3.83 -2.55 12.10
CA GLN B 219 -2.82 -1.88 12.93
C GLN B 219 -2.59 -2.61 14.21
N LEU B 220 -3.68 -2.99 14.87
CA LEU B 220 -3.54 -3.68 16.15
C LEU B 220 -2.68 -4.92 15.95
N ARG B 221 -3.06 -5.75 14.99
CA ARG B 221 -2.35 -6.99 14.72
C ARG B 221 -0.88 -6.73 14.47
N ALA B 222 -0.64 -5.69 13.66
CA ALA B 222 0.66 -5.35 13.17
C ALA B 222 1.58 -4.84 14.26
N PHE B 223 1.00 -4.14 15.22
CA PHE B 223 1.75 -3.52 16.32
C PHE B 223 1.79 -4.41 17.55
N THR B 224 1.19 -5.60 17.45
CA THR B 224 1.17 -6.54 18.56
C THR B 224 2.41 -7.42 18.53
N PHE B 225 3.46 -6.94 19.17
CA PHE B 225 4.73 -7.69 19.20
C PHE B 225 5.32 -7.40 20.55
N ARG B 226 4.79 -8.16 21.53
CA ARG B 226 4.87 -7.86 22.99
C ARG B 226 6.28 -7.45 23.46
N GLU B 227 7.27 -8.17 22.95
CA GLU B 227 8.62 -8.05 23.44
C GLU B 227 9.22 -6.73 23.01
N TYR B 228 8.64 -6.08 22.01
CA TYR B 228 8.92 -4.68 21.72
C TYR B 228 7.83 -3.77 22.27
N GLN B 229 6.58 -4.05 21.90
CA GLN B 229 5.46 -3.29 22.45
C GLN B 229 4.11 -3.85 22.13
N LEU B 230 3.16 -3.33 22.86
CA LEU B 230 1.77 -3.49 22.53
C LEU B 230 1.20 -2.12 22.19
N PRO B 231 0.23 -2.09 21.30
CA PRO B 231 -0.51 -0.83 21.11
C PRO B 231 -1.24 -0.35 22.37
N LYS B 232 -1.33 0.94 22.55
CA LYS B 232 -1.88 1.57 23.74
C LYS B 232 -3.04 2.50 23.37
N LEU B 233 -4.07 2.50 24.21
CA LEU B 233 -5.14 3.50 24.14
C LEU B 233 -5.33 4.09 25.51
N ASP B 234 -4.90 5.34 25.64
CA ASP B 234 -4.98 6.08 26.90
C ASP B 234 -4.14 5.45 27.99
N GLY B 235 -2.86 5.27 27.69
CA GLY B 235 -1.89 4.69 28.64
C GLY B 235 -2.08 3.22 28.95
N VAL B 236 -2.98 2.55 28.23
CA VAL B 236 -3.39 1.17 28.55
C VAL B 236 -3.14 0.20 27.39
N ASN B 237 -2.34 -0.84 27.64
CA ASN B 237 -2.06 -1.84 26.61
C ASN B 237 -3.29 -2.59 26.13
N ILE B 238 -3.29 -2.89 24.84
CA ILE B 238 -4.38 -3.60 24.17
C ILE B 238 -3.82 -4.87 23.53
N PHE B 239 -4.59 -5.94 23.60
CA PHE B 239 -4.25 -7.10 22.86
C PHE B 239 -5.43 -7.42 21.95
N LEU B 240 -5.38 -6.83 20.76
CA LEU B 240 -6.30 -7.10 19.69
C LEU B 240 -7.69 -6.54 19.96
N GLY B 241 -8.69 -7.10 19.28
CA GLY B 241 -9.90 -6.31 19.02
C GLY B 241 -10.82 -6.97 18.01
N ASP B 242 -11.93 -6.30 17.74
CA ASP B 242 -12.88 -6.82 16.74
C ASP B 242 -13.71 -5.69 16.17
N VAL B 243 -14.36 -5.98 15.04
CA VAL B 243 -15.22 -5.01 14.44
C VAL B 243 -16.64 -5.27 14.91
N LEU B 244 -17.29 -4.22 15.34
CA LEU B 244 -18.70 -4.23 15.69
C LEU B 244 -19.59 -3.79 14.52
N SER B 245 -20.89 -4.01 14.70
CA SER B 245 -21.92 -3.72 13.71
C SER B 245 -22.40 -2.26 13.75
N SER B 246 -22.01 -1.55 14.80
CA SER B 246 -22.42 -0.17 14.97
C SER B 246 -21.51 0.82 14.22
N ARG B 247 -22.05 2.01 13.88
CA ARG B 247 -21.30 3.10 13.24
C ARG B 247 -21.43 4.48 13.92
N SER B 248 -20.66 4.72 14.96
CA SER B 248 -20.78 5.96 15.64
C SER B 248 -20.64 7.13 14.69
N ILE B 249 -21.56 8.07 14.84
CA ILE B 249 -21.47 9.39 14.25
C ILE B 249 -20.35 10.23 14.86
N MET B 250 -19.80 9.84 16.02
CA MET B 250 -18.71 10.61 16.64
C MET B 250 -17.48 10.67 15.71
N LYS B 251 -16.74 11.76 15.84
CA LYS B 251 -15.52 11.98 15.10
C LYS B 251 -14.62 10.76 15.36
N PRO B 252 -13.91 10.25 14.31
CA PRO B 252 -13.14 9.03 14.51
C PRO B 252 -12.08 9.22 15.57
N GLY B 253 -11.87 8.21 16.41
CA GLY B 253 -10.97 8.32 17.56
C GLY B 253 -11.73 8.44 18.86
N SER B 254 -12.97 8.94 18.77
CA SER B 254 -13.82 9.19 19.95
C SER B 254 -14.10 7.89 20.70
N ILE B 255 -13.84 7.89 22.00
CA ILE B 255 -14.12 6.72 22.85
C ILE B 255 -15.58 6.74 23.22
N LEU B 256 -16.27 5.63 23.01
CA LEU B 256 -17.72 5.57 23.08
C LEU B 256 -18.19 4.95 24.42
N GLU B 257 -17.51 3.87 24.80
CA GLU B 257 -17.66 3.18 26.06
C GLU B 257 -16.27 2.80 26.65
N ARG B 258 -16.26 2.48 27.94
CA ARG B 258 -15.05 2.19 28.69
C ARG B 258 -15.45 1.26 29.82
N ASN B 259 -14.96 0.02 29.80
CA ASN B 259 -15.12 -0.87 30.95
C ASN B 259 -13.87 -1.69 31.19
N ASP B 260 -13.91 -2.55 32.19
CA ASP B 260 -12.76 -3.28 32.69
C ASP B 260 -12.13 -4.22 31.64
N LYS B 261 -12.95 -4.77 30.75
CA LYS B 261 -12.48 -5.68 29.75
C LYS B 261 -12.10 -5.04 28.38
N GLU B 262 -12.40 -3.76 28.14
CA GLU B 262 -12.39 -3.21 26.76
C GLU B 262 -12.58 -1.69 26.58
N ILE B 263 -12.22 -1.22 25.39
CA ILE B 263 -12.50 0.16 24.94
C ILE B 263 -13.15 0.15 23.55
N ILE B 264 -14.15 0.98 23.36
CA ILE B 264 -14.86 0.95 22.09
C ILE B 264 -14.72 2.28 21.41
N VAL B 265 -14.27 2.25 20.16
CA VAL B 265 -13.92 3.48 19.45
C VAL B 265 -14.66 3.62 18.13
N SER B 266 -14.91 4.89 17.78
CA SER B 266 -15.43 5.34 16.47
C SER B 266 -14.33 5.42 15.43
N THR B 267 -14.58 4.73 14.34
CA THR B 267 -13.72 4.75 13.13
C THR B 267 -14.48 5.40 12.00
N ILE B 268 -13.76 5.70 10.93
CA ILE B 268 -14.38 6.03 9.63
C ILE B 268 -15.68 5.33 9.32
N ASP B 269 -15.75 4.04 9.60
CA ASP B 269 -16.96 3.28 9.36
C ASP B 269 -17.45 2.53 10.57
N TYR B 270 -17.14 1.26 10.67
CA TYR B 270 -17.65 0.46 11.78
C TYR B 270 -16.87 0.75 13.05
N ASP B 271 -17.57 0.62 14.17
CA ASP B 271 -16.95 0.82 15.48
C ASP B 271 -16.01 -0.34 15.72
N VAL B 272 -15.00 -0.13 16.54
CA VAL B 272 -14.09 -1.20 16.95
C VAL B 272 -14.01 -1.39 18.49
N VAL B 273 -13.91 -2.65 18.93
CA VAL B 273 -13.61 -2.98 20.33
C VAL B 273 -12.12 -3.25 20.45
N LEU B 274 -11.41 -2.48 21.26
CA LEU B 274 -10.04 -2.85 21.61
C LEU B 274 -10.03 -3.62 22.95
N TYR B 275 -9.56 -4.87 22.93
CA TYR B 275 -9.60 -5.73 24.14
C TYR B 275 -8.40 -5.34 24.98
N LYS B 276 -8.61 -4.94 26.24
CA LYS B 276 -7.48 -4.72 27.13
C LYS B 276 -6.62 -5.98 27.33
N ASP B 277 -5.30 -5.81 27.27
CA ASP B 277 -4.40 -6.92 27.49
C ASP B 277 -4.63 -7.56 28.87
N ASN B 278 -5.16 -8.76 28.94
CA ASN B 278 -5.15 -9.53 30.20
C ASN B 278 -4.19 -10.74 30.19
N PHE B 279 -3.05 -10.65 29.50
CA PHE B 279 -2.15 -11.81 29.36
C PHE B 279 -1.59 -12.25 30.72
N LYS B 280 -1.21 -11.28 31.55
CA LYS B 280 -0.58 -11.57 32.83
C LYS B 280 -1.55 -12.30 33.76
N GLU B 281 -2.77 -11.80 33.83
CA GLU B 281 -3.85 -12.46 34.55
C GLU B 281 -3.95 -13.93 34.11
N ILE B 282 -4.00 -14.15 32.79
CA ILE B 282 -4.22 -15.48 32.24
C ILE B 282 -3.09 -16.43 32.63
N LEU B 283 -1.88 -15.91 32.68
CA LEU B 283 -0.74 -16.76 32.84
C LEU B 283 -0.69 -17.27 34.28
N GLU B 284 -1.01 -16.38 35.21
CA GLU B 284 -1.22 -16.71 36.62
C GLU B 284 -2.32 -17.75 36.81
N ALA B 285 -3.46 -17.51 36.21
CA ALA B 285 -4.55 -18.46 36.27
C ALA B 285 -4.14 -19.87 35.81
N CYS B 286 -3.25 -19.93 34.83
CA CYS B 286 -2.78 -21.18 34.24
C CYS B 286 -2.08 -22.10 35.23
N LYS B 287 -1.66 -21.58 36.37
CA LYS B 287 -1.04 -22.45 37.39
C LYS B 287 -1.99 -23.58 37.86
N TYR B 288 -3.27 -23.26 37.91
CA TYR B 288 -4.25 -24.06 38.68
C TYR B 288 -5.65 -24.06 38.09
N SER B 289 -5.95 -23.25 37.09
CA SER B 289 -7.30 -23.17 36.59
C SER B 289 -7.53 -24.27 35.56
N ASP B 290 -8.81 -24.64 35.41
CA ASP B 290 -9.22 -25.59 34.39
C ASP B 290 -9.48 -24.80 33.13
N SER B 291 -9.60 -25.50 32.02
CA SER B 291 -9.80 -24.85 30.73
C SER B 291 -11.11 -24.09 30.55
N LYS B 292 -12.19 -24.53 31.20
CA LYS B 292 -13.48 -23.84 31.13
C LYS B 292 -13.34 -22.47 31.73
N TYR B 293 -12.56 -22.36 32.81
CA TYR B 293 -12.27 -21.04 33.41
C TYR B 293 -11.39 -20.20 32.53
N ILE B 294 -10.33 -20.81 32.00
CA ILE B 294 -9.39 -20.07 31.14
C ILE B 294 -10.07 -19.56 29.85
N ALA B 295 -10.93 -20.37 29.26
CA ALA B 295 -11.66 -20.03 28.03
C ALA B 295 -12.49 -18.77 28.17
N LYS B 296 -12.98 -18.52 29.38
CA LYS B 296 -13.77 -17.32 29.66
C LYS B 296 -12.89 -16.07 29.68
N LEU B 297 -11.60 -16.23 29.92
CA LEU B 297 -10.67 -15.12 29.95
C LEU B 297 -10.13 -14.63 28.57
N ILE B 298 -10.33 -15.41 27.52
CA ILE B 298 -9.65 -15.21 26.26
C ILE B 298 -10.60 -14.38 25.42
N ARG B 299 -10.12 -13.26 24.88
CA ARG B 299 -10.86 -12.59 23.84
C ARG B 299 -10.23 -12.76 22.46
N ALA B 300 -8.95 -13.18 22.42
CA ALA B 300 -8.23 -13.48 21.18
C ALA B 300 -7.32 -14.72 21.32
N LYS B 301 -7.43 -15.66 20.36
CA LYS B 301 -6.66 -16.91 20.34
C LYS B 301 -5.16 -16.73 20.51
N SER B 302 -4.63 -15.69 19.90
CA SER B 302 -3.22 -15.46 19.87
C SER B 302 -2.63 -15.33 21.29
N ILE B 303 -3.46 -14.98 22.29
CA ILE B 303 -2.94 -14.68 23.63
C ILE B 303 -2.54 -15.97 24.38
N LEU B 304 -3.18 -17.09 24.06
CA LEU B 304 -2.76 -18.41 24.54
C LEU B 304 -1.34 -18.78 24.23
N PHE B 305 -0.73 -18.10 23.26
CA PHE B 305 0.65 -18.36 22.85
C PHE B 305 1.64 -17.24 23.14
N GLU B 306 1.26 -16.24 23.92
CA GLU B 306 2.19 -15.19 24.28
C GLU B 306 3.16 -15.70 25.34
N LYS B 307 4.23 -14.96 25.58
CA LYS B 307 5.26 -15.26 26.57
C LYS B 307 5.59 -14.03 27.39
N ASN B 308 5.86 -14.27 28.66
CA ASN B 308 6.40 -13.20 29.47
C ASN B 308 7.88 -13.08 29.18
N ILE B 309 8.51 -12.18 29.91
CA ILE B 309 9.94 -11.85 29.73
C ILE B 309 10.92 -13.03 29.86
N TYR B 310 10.53 -14.13 30.52
CA TYR B 310 11.40 -15.34 30.63
C TYR B 310 11.19 -16.28 29.48
N GLY B 311 10.10 -16.09 28.74
CA GLY B 311 9.73 -17.05 27.73
C GLY B 311 8.68 -18.02 28.23
N TRP B 312 8.00 -17.70 29.33
CA TRP B 312 6.95 -18.56 29.82
C TRP B 312 5.66 -18.25 29.11
N SER B 313 5.19 -19.28 28.42
CA SER B 313 3.86 -19.42 27.84
C SER B 313 2.83 -20.12 28.75
N PRO B 314 1.56 -20.00 28.40
CA PRO B 314 0.55 -20.73 29.13
C PRO B 314 0.81 -22.21 29.26
N VAL B 315 1.25 -22.83 28.17
CA VAL B 315 1.62 -24.25 28.23
C VAL B 315 2.82 -24.53 29.09
N ILE B 316 3.80 -23.65 29.08
CA ILE B 316 4.93 -23.82 30.02
C ILE B 316 4.52 -23.68 31.48
N VAL B 317 3.73 -22.68 31.80
CA VAL B 317 3.36 -22.46 33.19
C VAL B 317 2.59 -23.67 33.67
N ALA B 318 1.64 -24.08 32.84
CA ALA B 318 0.80 -25.21 33.14
C ALA B 318 1.59 -26.50 33.34
N ALA B 319 2.65 -26.68 32.56
CA ALA B 319 3.51 -27.87 32.68
C ALA B 319 4.30 -27.86 33.97
N TYR B 320 4.89 -26.73 34.34
CA TYR B 320 5.60 -26.63 35.63
C TYR B 320 4.69 -26.84 36.87
N HIS B 321 3.39 -26.56 36.71
CA HIS B 321 2.42 -26.83 37.79
C HIS B 321 1.64 -28.15 37.64
N GLY B 322 2.10 -29.02 36.74
CA GLY B 322 1.40 -30.28 36.44
C GLY B 322 -0.07 -30.08 36.13
N ASN B 323 -0.40 -29.00 35.42
CA ASN B 323 -1.81 -28.75 35.08
C ASN B 323 -2.22 -29.39 33.77
N ILE B 324 -2.31 -30.71 33.80
CA ILE B 324 -2.47 -31.52 32.61
C ILE B 324 -3.78 -31.28 31.90
N GLU B 325 -4.89 -31.21 32.61
CA GLU B 325 -6.17 -30.95 31.92
C GLU B 325 -6.12 -29.67 31.07
N LEU B 326 -5.43 -28.65 31.55
CA LEU B 326 -5.27 -27.40 30.83
C LEU B 326 -4.27 -27.55 29.65
N ILE B 327 -3.16 -28.27 29.88
CA ILE B 327 -2.22 -28.53 28.83
C ILE B 327 -2.93 -29.19 27.64
N LYS B 328 -3.78 -30.17 27.91
CA LYS B 328 -4.51 -30.87 26.83
C LYS B 328 -5.31 -29.89 25.99
N TRP B 329 -6.05 -29.00 26.65
CA TRP B 329 -6.86 -28.00 25.97
C TRP B 329 -6.03 -27.02 25.16
N LEU B 330 -4.99 -26.50 25.79
CA LEU B 330 -4.08 -25.55 25.11
C LEU B 330 -3.52 -26.13 23.81
N VAL B 331 -3.04 -27.36 23.87
CA VAL B 331 -2.58 -28.07 22.67
C VAL B 331 -3.70 -28.19 21.64
N SER B 332 -4.91 -28.50 22.05
CA SER B 332 -6.06 -28.49 21.08
C SER B 332 -6.42 -27.11 20.51
N LYS B 333 -5.96 -26.05 21.14
CA LYS B 333 -6.12 -24.71 20.61
C LYS B 333 -4.94 -24.29 19.78
N GLY B 334 -3.95 -25.15 19.68
CA GLY B 334 -2.83 -24.97 18.80
C GLY B 334 -1.54 -24.63 19.52
N ALA B 335 -1.43 -24.90 20.81
CA ALA B 335 -0.19 -24.56 21.46
C ALA B 335 0.84 -25.64 21.20
N ASN B 336 2.07 -25.26 21.46
CA ASN B 336 3.21 -26.12 21.21
C ASN B 336 3.60 -26.93 22.47
N ILE B 337 3.35 -28.25 22.42
CA ILE B 337 3.67 -29.14 23.49
C ILE B 337 5.13 -29.19 23.81
N ASN B 338 5.95 -28.80 22.86
CA ASN B 338 7.38 -28.53 23.13
C ASN B 338 7.83 -27.09 23.16
N ASP B 339 6.95 -26.20 23.61
CA ASP B 339 7.31 -24.81 23.77
C ASP B 339 8.61 -24.65 24.56
N ARG B 340 9.32 -23.56 24.34
CA ARG B 340 10.62 -23.35 24.98
C ARG B 340 10.71 -21.97 25.53
N ASN B 341 11.44 -21.76 26.59
CA ASN B 341 11.77 -20.41 26.98
C ASN B 341 13.09 -19.93 26.27
N TYR B 342 13.59 -18.77 26.68
CA TYR B 342 14.72 -18.15 25.99
C TYR B 342 16.07 -18.69 26.43
N LYS B 343 16.09 -19.64 27.36
CA LYS B 343 17.22 -20.55 27.47
C LYS B 343 17.03 -21.89 26.72
N GLY B 344 15.94 -22.06 25.99
CA GLY B 344 15.67 -23.36 25.30
C GLY B 344 15.08 -24.46 26.18
N THR B 345 14.65 -24.05 27.35
CA THR B 345 14.10 -24.98 28.30
C THR B 345 12.72 -25.42 27.80
N THR B 346 12.58 -26.73 27.63
CA THR B 346 11.39 -27.33 27.07
C THR B 346 10.31 -27.62 28.14
N VAL B 347 9.06 -27.69 27.66
CA VAL B 347 7.92 -28.17 28.42
C VAL B 347 8.27 -29.43 29.20
N ALA B 348 8.88 -30.39 28.53
CA ALA B 348 9.32 -31.63 29.21
C ALA B 348 10.19 -31.33 30.39
N MET B 349 11.07 -30.34 30.28
CA MET B 349 11.98 -30.00 31.40
C MET B 349 11.24 -29.38 32.57
N TYR B 350 10.26 -28.52 32.25
CA TYR B 350 9.35 -27.94 33.24
C TYR B 350 8.51 -29.00 33.98
N PHE B 351 8.05 -30.03 33.25
CA PHE B 351 7.23 -31.10 33.80
C PHE B 351 8.09 -32.05 34.63
N LYS B 352 9.28 -32.33 34.15
CA LYS B 352 10.27 -33.04 34.96
C LYS B 352 10.34 -32.39 36.31
N ASP B 353 10.44 -31.06 36.40
CA ASP B 353 10.41 -30.43 37.72
C ASP B 353 9.15 -30.72 38.55
N TYR B 354 7.98 -30.67 37.90
CA TYR B 354 6.76 -31.05 38.57
C TYR B 354 6.80 -32.52 39.02
N MET B 355 7.35 -33.39 38.19
CA MET B 355 7.41 -34.81 38.53
C MET B 355 8.31 -35.09 39.75
N LEU B 356 9.48 -34.46 39.77
CA LEU B 356 10.34 -34.48 40.94
C LEU B 356 9.70 -33.86 42.17
N LYS B 357 9.07 -32.71 42.01
CA LYS B 357 8.51 -32.04 43.20
C LYS B 357 7.34 -32.82 43.80
N SER B 358 6.50 -33.39 42.94
CA SER B 358 5.25 -33.99 43.36
C SER B 358 5.44 -35.43 43.66
N GLY B 359 6.45 -36.07 43.09
CA GLY B 359 6.50 -37.50 43.03
C GLY B 359 5.48 -38.15 42.10
N ASP B 360 4.60 -37.37 41.47
CA ASP B 360 3.56 -37.95 40.60
C ASP B 360 3.98 -37.99 39.13
N TYR B 361 4.38 -39.16 38.66
CA TYR B 361 4.97 -39.33 37.35
C TYR B 361 3.96 -39.74 36.27
N SER B 362 2.77 -40.16 36.66
CA SER B 362 1.87 -40.83 35.70
C SER B 362 1.44 -39.96 34.49
N GLY B 363 1.39 -38.64 34.68
CA GLY B 363 0.99 -37.76 33.59
C GLY B 363 1.87 -37.69 32.34
N LEU B 364 3.07 -38.22 32.45
CA LEU B 364 4.05 -38.11 31.39
C LEU B 364 3.50 -38.71 30.11
N LYS B 365 2.93 -39.89 30.21
CA LYS B 365 2.42 -40.56 29.00
C LYS B 365 1.36 -39.70 28.27
N MET B 366 0.59 -38.93 29.03
CA MET B 366 -0.39 -38.03 28.49
C MET B 366 0.24 -36.92 27.66
N LEU B 367 1.27 -36.27 28.22
CA LEU B 367 2.03 -35.28 27.48
C LEU B 367 2.73 -35.90 26.28
N ILE B 368 3.39 -37.05 26.46
CA ILE B 368 4.02 -37.75 25.31
C ILE B 368 3.02 -37.97 24.17
N ASP B 369 1.83 -38.46 24.49
CA ASP B 369 0.78 -38.62 23.49
C ASP B 369 0.31 -37.32 22.81
N LEU B 370 0.55 -36.20 23.50
CA LEU B 370 0.34 -34.86 22.98
C LEU B 370 1.49 -34.31 22.16
N GLY B 371 2.53 -35.11 22.02
CA GLY B 371 3.62 -34.81 21.14
C GLY B 371 4.85 -34.43 21.89
N LEU B 372 4.90 -34.63 23.21
CA LEU B 372 6.11 -34.24 23.98
C LEU B 372 7.34 -35.02 23.53
N ASP B 373 8.44 -34.29 23.37
CA ASP B 373 9.70 -34.84 22.85
C ASP B 373 10.80 -34.69 23.90
N LEU B 374 11.26 -35.84 24.42
CA LEU B 374 12.28 -35.86 25.48
C LEU B 374 13.72 -35.78 25.01
N THR B 375 13.94 -35.85 23.69
CA THR B 375 15.28 -35.88 23.09
C THR B 375 15.78 -34.48 22.87
N LEU B 376 14.92 -33.48 23.06
CA LEU B 376 15.27 -32.09 22.83
C LEU B 376 16.28 -31.60 23.82
N THR B 377 17.04 -30.60 23.39
CA THR B 377 18.20 -30.13 24.13
C THR B 377 17.95 -28.67 24.39
N ASP B 378 18.33 -28.16 25.55
CA ASP B 378 18.23 -26.71 25.71
C ASP B 378 19.46 -26.06 25.06
N TYR B 379 19.65 -24.75 25.31
CA TYR B 379 20.73 -24.05 24.67
C TYR B 379 22.11 -24.38 25.25
N LYS B 380 22.18 -24.87 26.48
CA LYS B 380 23.43 -25.44 27.01
C LYS B 380 23.65 -26.85 26.52
N ASP B 381 22.76 -27.32 25.64
CA ASP B 381 22.85 -28.59 24.95
C ASP B 381 22.59 -29.80 25.87
N TYR B 382 21.75 -29.58 26.88
CA TYR B 382 21.37 -30.64 27.84
C TYR B 382 19.96 -31.16 27.55
N THR B 383 19.76 -32.45 27.70
CA THR B 383 18.46 -33.02 27.65
C THR B 383 17.92 -33.15 29.05
N VAL B 384 16.61 -33.35 29.13
CA VAL B 384 16.00 -33.74 30.41
C VAL B 384 16.77 -34.89 31.09
N PHE B 385 17.27 -35.88 30.34
CA PHE B 385 17.97 -37.01 30.96
C PHE B 385 19.32 -36.58 31.54
N ASP B 386 19.98 -35.63 30.88
CA ASP B 386 21.23 -35.11 31.38
C ASP B 386 21.06 -34.48 32.73
N TYR B 387 20.13 -33.55 32.85
CA TYR B 387 19.85 -32.88 34.14
C TYR B 387 19.53 -33.84 35.29
N LEU B 388 18.71 -34.84 35.00
CA LEU B 388 18.40 -35.90 35.95
C LEU B 388 19.66 -36.70 36.42
N GLU B 389 20.64 -36.85 35.54
CA GLU B 389 21.89 -37.47 35.95
C GLU B 389 22.74 -36.53 36.76
N LYS B 390 22.90 -35.30 36.31
CA LYS B 390 23.74 -34.35 37.02
C LYS B 390 23.30 -34.36 38.46
N SER B 391 21.99 -34.27 38.64
CA SER B 391 21.38 -34.18 39.94
C SER B 391 21.20 -35.55 40.62
N GLY B 392 21.48 -36.67 39.95
CA GLY B 392 21.39 -38.00 40.59
C GLY B 392 19.98 -38.52 40.95
N ASN B 393 18.94 -37.96 40.33
CA ASN B 393 17.58 -38.49 40.46
C ASN B 393 17.35 -39.68 39.57
N LYS B 394 17.97 -40.82 39.96
CA LYS B 394 18.05 -42.03 39.15
C LYS B 394 16.71 -42.73 38.93
N ASN B 395 15.78 -42.55 39.85
CA ASN B 395 14.49 -43.21 39.74
C ASN B 395 13.63 -42.61 38.63
N LEU B 396 13.34 -41.31 38.73
CA LEU B 396 12.67 -40.59 37.65
C LEU B 396 13.40 -40.74 36.31
N LEU B 397 14.73 -40.81 36.34
CA LEU B 397 15.49 -40.96 35.12
C LEU B 397 15.15 -42.29 34.48
N GLN B 398 15.08 -43.36 35.28
CA GLN B 398 14.79 -44.70 34.77
C GLN B 398 13.35 -44.74 34.27
N TYR B 399 12.46 -44.12 35.03
CA TYR B 399 11.09 -44.00 34.60
C TYR B 399 11.02 -43.31 33.25
N MET B 400 11.71 -42.18 33.10
CA MET B 400 11.61 -41.44 31.82
C MET B 400 12.25 -42.25 30.72
N MET B 401 13.37 -42.93 31.03
CA MET B 401 14.14 -43.66 30.01
C MET B 401 13.32 -44.75 29.34
N ALA B 402 12.42 -45.34 30.12
CA ALA B 402 11.59 -46.46 29.69
C ALA B 402 10.71 -46.08 28.50
N PHE B 403 10.44 -44.78 28.35
CA PHE B 403 9.70 -44.28 27.18
C PHE B 403 10.51 -44.17 25.90
N MET B 404 11.81 -44.43 25.98
CA MET B 404 12.66 -44.32 24.83
C MET B 404 12.90 -45.71 24.25
O4 T3Q C . -3.33 20.03 -3.93
C4 T3Q C . -3.73 19.07 -4.62
N3 T3Q C . -2.94 18.47 -5.53
C2 T3Q C . -3.41 17.44 -6.27
O2 T3Q C . -2.64 16.89 -7.11
C5 T3Q C . -5.10 18.57 -4.41
C5M T3Q C . -6.00 19.21 -3.40
C6 T3Q C . -5.54 17.50 -5.19
N1 T3Q C . -4.71 16.92 -6.09
C1' T3Q C . -5.20 15.78 -6.89
O4' T3Q C . -6.38 16.19 -7.60
C2' T3Q C . -5.55 14.57 -6.02
C3' T3Q C . -7.07 14.46 -6.08
O3' T3Q C . -7.53 13.12 -6.21
C4' T3Q C . -7.47 15.27 -7.33
C5' T3Q C . -8.78 16.06 -7.21
O5' T3Q C . -8.69 16.88 -6.06
PA T3Q C . -9.93 17.46 -5.23
O1A T3Q C . -10.96 17.90 -6.22
O2A T3Q C . -9.38 18.38 -4.17
O3A T3Q C . -10.66 16.25 -4.43
PB T3Q C . -10.13 14.75 -4.07
O1B T3Q C . -9.29 14.92 -2.81
O2B T3Q C . -9.66 13.92 -5.25
O3B T3Q C . -11.54 14.08 -3.75
O4Q T3Q C . -16.35 14.53 -3.18
C4Q T3Q C . -15.01 14.42 -2.66
C5Q T3Q C . -14.04 15.61 -2.95
O5Q T3Q C . -12.83 15.41 -2.20
C6Q T3Q C . -14.53 17.00 -2.57
C3Q T3Q C . -14.36 13.13 -3.16
N3Q T3Q C . -15.19 11.94 -3.01
C2Q T3Q C . -13.06 12.91 -2.43
O2Q T3Q C . -12.38 11.83 -3.08
C1Q T3Q C . -12.16 14.13 -2.46
O4 T3Q D . -1.31 30.29 -28.78
C4 T3Q D . -2.24 31.14 -28.67
N3 T3Q D . -1.97 32.45 -28.61
C2 T3Q D . -2.96 33.35 -28.51
O2 T3Q D . -2.65 34.55 -28.46
C5 T3Q D . -3.66 30.73 -28.61
C5M T3Q D . -4.05 29.28 -28.61
C6 T3Q D . -4.67 31.70 -28.50
N1 T3Q D . -4.34 33.00 -28.45
C1' T3Q D . -5.35 34.09 -28.32
O4' T3Q D . -5.81 34.20 -26.97
C2' T3Q D . -6.61 33.93 -29.17
C3' T3Q D . -7.75 33.85 -28.18
O3' T3Q D . -8.89 34.58 -28.66
C4' T3Q D . -7.20 34.46 -26.90
C5' T3Q D . -7.78 33.82 -25.64
O5' T3Q D . -7.60 32.41 -25.73
PA T3Q D . -8.76 31.39 -25.40
O1A T3Q D . -9.37 31.91 -24.14
O2A T3Q D . -8.13 30.05 -25.55
O3A T3Q D . -9.87 31.50 -26.56
PB T3Q D . -11.44 31.57 -26.27
O1B T3Q D . -11.54 32.94 -25.61
O2B T3Q D . -11.87 30.29 -25.62
O3B T3Q D . -12.08 31.58 -27.73
O4Q T3Q D . -11.56 30.85 -32.17
C4Q T3Q D . -11.67 31.91 -31.21
C5Q T3Q D . -10.50 31.91 -30.22
O5Q T3Q D . -10.74 32.98 -29.26
C6Q T3Q D . -9.15 32.08 -30.92
C3Q T3Q D . -12.97 31.76 -30.45
N3Q T3Q D . -14.07 31.78 -31.40
C2Q T3Q D . -13.18 32.84 -29.38
O2Q T3Q D . -14.32 32.58 -28.50
C1Q T3Q D . -11.97 32.82 -28.49
NA NA E . -3.55 17.61 2.43
NA NA F . 21.20 3.80 -5.88
N1 FON G . 24.42 -5.85 0.53
C2 FON G . 23.84 -5.55 -0.64
NA2 FON G . 24.62 -4.99 -1.58
N3 FON G . 22.53 -5.78 -0.92
C4 FON G . 21.73 -6.39 -0.02
O4 FON G . 20.56 -6.60 -0.32
C4A FON G . 22.30 -6.77 1.28
N5 FON G . 21.57 -7.30 2.37
C6 FON G . 22.16 -7.05 3.71
C7 FON G . 23.61 -7.50 3.65
N8 FON G . 24.35 -6.74 2.65
C8A FON G . 23.74 -6.44 1.49
C9 FON G . 22.17 -5.55 4.10
N10 FON G . 20.91 -4.88 3.88
C11 FON G . 20.03 -0.92 4.86
C12 FON G . 21.29 -1.45 5.16
C13 FON G . 21.62 -2.77 4.85
C14 FON G . 20.68 -3.58 4.23
C15 FON G . 19.43 -3.05 3.93
C16 FON G . 19.10 -1.76 4.25
C FON G . 19.69 0.52 5.26
O FON G . 20.58 1.26 5.65
N FON G . 18.42 0.93 5.25
CA FON G . 17.99 2.22 5.75
CB FON G . 18.40 3.45 4.89
CG FON G . 17.91 3.40 3.44
CD FON G . 18.43 4.65 2.76
OE1 FON G . 17.57 5.47 2.34
OE2 FON G . 19.67 4.80 2.64
CT FON G . 16.49 2.24 5.94
O1 FON G . 16.01 3.10 6.69
O2 FON G . 15.81 1.41 5.31
CP1 FON G . 20.42 -7.90 2.28
O3 FON G . 19.77 -8.23 3.29
O4 T3Q H . 5.34 -21.16 36.40
C4 T3Q H . 6.52 -21.22 36.81
N3 T3Q H . 6.84 -20.94 38.10
C2 T3Q H . 8.11 -21.01 38.52
O2 T3Q H . 8.38 -20.75 39.69
C5 T3Q H . 7.59 -21.59 35.87
C5M T3Q H . 7.19 -21.90 34.44
C6 T3Q H . 8.91 -21.67 36.34
N1 T3Q H . 9.16 -21.40 37.64
C1' T3Q H . 10.49 -21.46 38.21
O4' T3Q H . 11.31 -20.43 37.70
C2' T3Q H . 11.15 -22.79 37.88
C3' T3Q H . 12.46 -22.41 37.24
O3' T3Q H . 13.49 -23.25 37.75
C4' T3Q H . 12.63 -20.92 37.55
C5' T3Q H . 13.28 -20.12 36.43
O5' T3Q H . 12.62 -20.38 35.20
PA T3Q H . 13.41 -20.53 33.81
O1A T3Q H . 14.50 -19.53 33.71
O2A T3Q H . 12.30 -20.63 32.78
O3A T3Q H . 14.17 -21.91 34.05
PB T3Q H . 15.49 -22.29 33.22
O1B T3Q H . 16.59 -21.71 34.11
O2B T3Q H . 15.31 -21.98 31.74
O3B T3Q H . 15.46 -23.87 33.44
O4Q T3Q H . 13.74 -28.01 34.08
C4Q T3Q H . 14.49 -26.98 34.73
C5Q T3Q H . 13.70 -25.64 34.85
O5Q T3Q H . 14.52 -24.63 35.47
C6Q T3Q H . 12.51 -25.75 35.78
C3Q T3Q H . 15.74 -26.80 33.94
N3Q T3Q H . 16.55 -28.01 33.85
C2Q T3Q H . 16.55 -25.72 34.61
O2Q T3Q H . 17.67 -25.51 33.75
C1Q T3Q H . 15.75 -24.42 34.75
PA TYD I . 13.75 -7.08 14.18
O1A TYD I . 14.11 -7.89 12.99
O2A TYD I . 14.00 -7.73 15.54
O3A TYD I . 14.30 -5.56 14.23
PB TYD I . 14.57 -4.47 13.04
O1B TYD I . 13.47 -4.55 11.98
O2B TYD I . 15.96 -4.94 12.65
O3B TYD I . 14.61 -3.07 13.66
O5' TYD I . 12.17 -6.76 14.15
C5' TYD I . 11.29 -7.78 13.72
C4' TYD I . 9.89 -7.20 13.75
O4' TYD I . 9.66 -6.55 14.99
C3' TYD I . 9.61 -6.13 12.69
O3' TYD I . 9.30 -6.71 11.41
C2' TYD I . 8.47 -5.32 13.29
C1' TYD I . 8.63 -5.54 14.80
N1 TYD I . 9.13 -4.39 15.60
C2 TYD I . 8.32 -3.77 16.55
O2 TYD I . 7.13 -4.10 16.70
N3 TYD I . 8.78 -2.78 17.31
C4 TYD I . 10.06 -2.37 17.26
O4 TYD I . 10.42 -1.45 18.00
C5 TYD I . 10.97 -3.04 16.30
C5M TYD I . 12.40 -2.64 16.15
C6 TYD I . 10.44 -4.06 15.52
NA NA J . -17.48 6.83 13.21
K K K . 37.70 -11.13 14.58
NA NA L . 11.44 3.40 13.05
#